data_2Y5W
#
_entry.id   2Y5W
#
_cell.length_a   76.890
_cell.length_b   89.180
_cell.length_c   138.350
_cell.angle_alpha   90.00
_cell.angle_beta   90.00
_cell.angle_gamma   90.00
#
_symmetry.space_group_name_H-M   'P 21 21 21'
#
loop_
_entity.id
_entity.type
_entity.pdbx_description
1 polymer 'KINESIN HEAVY CHAIN'
2 non-polymer "ADENOSINE-5'-DIPHOSPHATE"
3 non-polymer 'MAGNESIUM ION'
4 water water
#
_entity_poly.entity_id   1
_entity_poly.type   'polypeptide(L)'
_entity_poly.pdbx_seq_one_letter_code
;MSAEREIPAEDSIKVVCRFRPLNDSEEKAGSKFVVKFPNNVEENCISIAGKVYLFDKVFKPNASQEKVYNEAAKSIVTDV
LAGYNGTIFAYGQTSSGKTHTMEGVIGDSVKQGIIPRIVNDIFNHIYAMEVNLEFHIKVSYYEIYMDKIRDLLDVSKVNL
SVHEDKNRVPYVKGATERFVSSPEDVFEVIEEGKSNRHIAVTNMNEHSSRSHSVFLINVKQENLENQKKLSGKLYLVDLA
GSEKVSKTGAEGTVLDEAKNINKSLSALGNVISALADGNKTHIPYRDSKLTRILQESLGGNARTTIVICCSPASFNESET
KSTLDFGRRAKTVKNVVCVNEELTAEEWKRRYEKEKEKNARLKGK
;
_entity_poly.pdbx_strand_id   A,B
#
# COMPACT_ATOMS: atom_id res chain seq x y z
N GLU A 10 -10.01 24.39 -4.84
CA GLU A 10 -10.79 25.26 -5.77
C GLU A 10 -9.95 25.80 -6.96
N ASP A 11 -8.86 25.09 -7.23
CA ASP A 11 -7.89 25.37 -8.32
C ASP A 11 -8.55 25.53 -9.70
N SER A 12 -9.00 26.75 -9.97
CA SER A 12 -9.45 27.09 -11.30
C SER A 12 -8.23 27.08 -12.21
N ILE A 13 -8.36 26.53 -13.40
CA ILE A 13 -7.35 26.64 -14.44
C ILE A 13 -6.91 28.12 -14.57
N LYS A 14 -5.62 28.38 -14.74
CA LYS A 14 -5.13 29.76 -14.86
C LYS A 14 -4.95 30.07 -16.33
N VAL A 15 -5.48 31.18 -16.80
CA VAL A 15 -5.26 31.55 -18.20
C VAL A 15 -4.42 32.81 -18.33
N VAL A 16 -3.42 32.74 -19.21
CA VAL A 16 -2.48 33.82 -19.37
C VAL A 16 -2.37 34.21 -20.84
N CYS A 17 -2.36 35.50 -21.10
CA CYS A 17 -2.43 35.94 -22.48
C CYS A 17 -1.16 36.67 -22.97
N ARG A 18 -0.51 36.13 -24.01
CA ARG A 18 0.71 36.75 -24.49
C ARG A 18 0.59 37.33 -25.92
N PHE A 19 0.85 38.62 -26.05
CA PHE A 19 0.91 39.21 -27.38
C PHE A 19 2.36 39.36 -27.68
N ARG A 20 2.70 39.11 -28.93
CA ARG A 20 4.04 39.31 -29.44
C ARG A 20 4.01 40.56 -30.32
N PRO A 21 5.19 41.05 -30.72
CA PRO A 21 5.32 42.27 -31.55
C PRO A 21 4.71 42.10 -32.91
N LEU A 22 4.39 43.19 -33.57
CA LEU A 22 3.90 43.15 -34.93
C LEU A 22 5.05 42.68 -35.81
N ASN A 23 4.83 41.67 -36.63
CA ASN A 23 5.97 41.13 -37.39
C ASN A 23 6.14 41.70 -38.79
N ASP A 24 7.27 41.36 -39.40
CA ASP A 24 7.69 41.93 -40.68
C ASP A 24 6.67 41.77 -41.81
N SER A 25 6.25 40.53 -42.06
CA SER A 25 5.26 40.30 -43.12
C SER A 25 3.90 40.92 -42.82
N GLU A 26 3.51 40.96 -41.54
CA GLU A 26 2.28 41.64 -41.13
C GLU A 26 2.27 43.12 -41.53
N GLU A 27 3.40 43.81 -41.33
CA GLU A 27 3.52 45.23 -41.71
C GLU A 27 3.35 45.41 -43.19
N LYS A 28 4.23 44.75 -43.95
CA LYS A 28 4.29 44.88 -45.42
C LYS A 28 2.91 44.67 -46.05
N ALA A 29 2.13 43.78 -45.44
CA ALA A 29 0.76 43.49 -45.86
C ALA A 29 -0.25 44.50 -45.30
N GLY A 30 0.26 45.58 -44.70
CA GLY A 30 -0.59 46.65 -44.17
C GLY A 30 -1.55 46.27 -43.04
N SER A 31 -0.99 45.77 -41.94
CA SER A 31 -1.79 45.51 -40.75
C SER A 31 -1.34 46.47 -39.66
N LYS A 32 -2.29 46.99 -38.91
CA LYS A 32 -2.01 47.85 -37.76
C LYS A 32 -2.05 47.00 -36.49
N PHE A 33 -1.40 47.51 -35.45
CA PHE A 33 -1.57 47.06 -34.07
C PHE A 33 -2.96 47.40 -33.63
N VAL A 34 -3.76 46.40 -33.25
CA VAL A 34 -5.18 46.66 -33.07
C VAL A 34 -5.62 46.36 -31.63
N VAL A 35 -4.71 46.59 -30.70
CA VAL A 35 -4.84 46.01 -29.39
C VAL A 35 -4.30 46.95 -28.34
N LYS A 36 -5.07 47.17 -27.29
CA LYS A 36 -4.63 48.03 -26.22
C LYS A 36 -4.47 47.23 -24.95
N PHE A 37 -3.75 47.81 -24.01
CA PHE A 37 -3.54 47.22 -22.70
C PHE A 37 -3.92 48.25 -21.66
N PRO A 38 -5.19 48.25 -21.24
CA PRO A 38 -5.53 49.25 -20.24
C PRO A 38 -4.80 48.92 -18.96
N ASN A 39 -4.22 49.92 -18.29
CA ASN A 39 -3.67 49.69 -16.94
C ASN A 39 -4.70 49.93 -15.83
N ASN A 40 -4.67 49.20 -14.70
CA ASN A 40 -4.01 47.92 -14.46
C ASN A 40 -2.48 47.90 -14.69
N VAL A 41 -1.68 48.12 -13.64
CA VAL A 41 -1.91 47.79 -12.22
C VAL A 41 -1.97 46.25 -12.07
N GLU A 42 -3.17 45.70 -11.89
CA GLU A 42 -3.35 44.25 -11.85
C GLU A 42 -2.79 43.54 -13.08
N GLU A 43 -2.55 44.32 -14.15
CA GLU A 43 -1.83 43.86 -15.34
C GLU A 43 -2.56 42.74 -16.07
N ASN A 44 -3.88 42.80 -16.09
CA ASN A 44 -4.69 41.65 -16.42
C ASN A 44 -5.73 41.82 -17.50
N CYS A 45 -5.59 42.84 -18.36
CA CYS A 45 -6.58 42.94 -19.42
C CYS A 45 -6.15 43.50 -20.80
N ILE A 46 -6.93 43.17 -21.83
CA ILE A 46 -6.64 43.51 -23.22
C ILE A 46 -7.91 44.08 -23.71
N SER A 47 -7.82 45.07 -24.58
CA SER A 47 -9.02 45.41 -25.27
C SER A 47 -8.73 45.33 -26.72
N ILE A 48 -9.56 44.55 -27.40
CA ILE A 48 -9.39 44.44 -28.82
C ILE A 48 -10.60 45.09 -29.45
N ALA A 49 -10.26 46.11 -30.22
CA ALA A 49 -11.17 46.92 -30.97
C ALA A 49 -12.65 46.62 -30.70
N GLY A 50 -13.23 47.14 -29.62
CA GLY A 50 -12.55 47.74 -28.48
C GLY A 50 -13.27 47.00 -27.36
N LYS A 51 -13.36 45.68 -27.49
CA LYS A 51 -13.96 44.80 -26.48
C LYS A 51 -12.92 44.31 -25.49
N VAL A 52 -13.21 44.35 -24.19
CA VAL A 52 -12.17 43.98 -23.23
C VAL A 52 -12.30 42.58 -22.69
N TYR A 53 -11.14 42.02 -22.36
CA TYR A 53 -11.03 40.67 -21.88
C TYR A 53 -10.10 40.71 -20.70
N LEU A 54 -10.39 39.88 -19.71
CA LEU A 54 -9.60 39.84 -18.51
C LEU A 54 -9.06 38.45 -18.40
N PHE A 55 -7.87 38.35 -17.83
CA PHE A 55 -7.21 37.09 -17.59
C PHE A 55 -6.41 37.14 -16.28
N ASP A 56 -5.81 36.03 -15.91
CA ASP A 56 -4.99 36.03 -14.73
C ASP A 56 -3.84 37.02 -14.93
N LYS A 57 -3.32 37.10 -16.15
CA LYS A 57 -2.17 37.92 -16.46
C LYS A 57 -2.16 38.16 -17.97
N VAL A 58 -1.60 39.30 -18.37
CA VAL A 58 -1.52 39.69 -19.76
C VAL A 58 -0.08 40.17 -19.98
N PHE A 59 0.58 39.67 -21.01
CA PHE A 59 1.93 40.11 -21.28
C PHE A 59 1.98 40.87 -22.56
N LYS A 60 2.44 42.11 -22.46
CA LYS A 60 2.68 43.01 -23.58
C LYS A 60 3.76 42.45 -24.49
N PRO A 61 3.83 42.94 -25.76
CA PRO A 61 4.80 42.50 -26.77
C PRO A 61 6.25 42.44 -26.31
N ASN A 62 6.63 43.26 -25.34
CA ASN A 62 8.03 43.23 -24.90
C ASN A 62 8.28 42.54 -23.58
N ALA A 63 7.30 41.85 -23.03
CA ALA A 63 7.61 41.01 -21.92
C ALA A 63 8.75 40.03 -22.28
N SER A 64 9.70 39.92 -21.36
CA SER A 64 10.81 39.00 -21.48
C SER A 64 10.34 37.55 -21.23
N GLN A 65 11.13 36.59 -21.67
CA GLN A 65 10.86 35.19 -21.37
C GLN A 65 10.80 35.01 -19.88
N GLU A 66 11.78 35.62 -19.23
CA GLU A 66 11.88 35.45 -17.80
C GLU A 66 10.64 35.94 -17.08
N LYS A 67 10.12 37.09 -17.50
CA LYS A 67 8.96 37.64 -16.83
CA LYS A 67 8.95 37.65 -16.85
C LYS A 67 7.76 36.71 -17.02
N VAL A 68 7.58 36.21 -18.25
CA VAL A 68 6.52 35.27 -18.56
C VAL A 68 6.66 34.04 -17.66
N TYR A 69 7.85 33.45 -17.67
CA TYR A 69 8.15 32.33 -16.78
C TYR A 69 7.78 32.57 -15.33
N ASN A 70 8.26 33.66 -14.76
CA ASN A 70 8.04 33.83 -13.33
C ASN A 70 6.57 33.96 -13.07
N GLU A 71 5.93 34.73 -13.94
CA GLU A 71 4.65 35.29 -13.60
C GLU A 71 3.56 34.30 -13.94
N ALA A 72 3.97 33.13 -14.46
CA ALA A 72 3.02 32.14 -14.97
C ALA A 72 3.38 30.67 -14.79
N ALA A 73 4.65 30.38 -14.54
CA ALA A 73 5.12 29.01 -14.45
C ALA A 73 5.74 28.63 -13.12
N LYS A 74 6.67 29.47 -12.65
CA LYS A 74 7.43 29.19 -11.42
C LYS A 74 6.71 28.27 -10.40
N SER A 75 5.51 28.70 -9.95
CA SER A 75 4.78 27.99 -8.91
C SER A 75 4.53 26.51 -9.21
N ILE A 76 4.60 26.17 -10.48
CA ILE A 76 4.39 24.79 -10.89
C ILE A 76 5.57 23.91 -10.45
N VAL A 77 6.77 24.47 -10.45
CA VAL A 77 7.92 23.70 -10.04
C VAL A 77 7.76 23.33 -8.58
N THR A 78 7.37 24.26 -7.74
CA THR A 78 7.29 23.85 -6.37
C THR A 78 6.10 22.93 -6.15
N ASP A 79 5.04 23.06 -6.94
CA ASP A 79 3.89 22.14 -6.87
C ASP A 79 4.28 20.68 -7.13
N VAL A 80 4.97 20.41 -8.23
CA VAL A 80 5.28 19.04 -8.60
C VAL A 80 6.20 18.41 -7.54
N LEU A 81 7.03 19.26 -6.95
CA LEU A 81 7.94 18.81 -5.90
C LEU A 81 7.13 18.56 -4.67
N ALA A 82 5.96 19.17 -4.59
CA ALA A 82 5.09 18.86 -3.48
C ALA A 82 4.16 17.68 -3.82
N GLY A 83 4.34 17.08 -4.99
CA GLY A 83 3.56 15.89 -5.37
C GLY A 83 2.20 16.10 -6.07
N TYR A 84 2.00 17.30 -6.65
CA TYR A 84 0.79 17.58 -7.42
C TYR A 84 1.11 17.45 -8.90
N ASN A 85 0.09 17.18 -9.73
CA ASN A 85 0.31 17.25 -11.16
C ASN A 85 0.09 18.68 -11.63
N GLY A 86 0.85 19.06 -12.63
CA GLY A 86 0.68 20.37 -13.18
C GLY A 86 0.96 20.33 -14.65
N THR A 87 0.23 21.16 -15.38
CA THR A 87 0.38 21.22 -16.82
CA THR A 87 0.51 21.24 -16.80
C THR A 87 0.44 22.64 -17.35
N ILE A 88 1.21 22.84 -18.39
CA ILE A 88 1.23 24.11 -19.04
C ILE A 88 1.01 23.82 -20.53
N PHE A 89 0.02 24.46 -21.13
CA PHE A 89 0.07 24.47 -22.58
C PHE A 89 -0.16 25.79 -23.31
N ALA A 90 0.46 25.87 -24.48
CA ALA A 90 0.40 27.04 -25.34
C ALA A 90 -0.64 26.78 -26.42
N TYR A 91 -1.56 27.73 -26.61
CA TYR A 91 -2.67 27.60 -27.54
C TYR A 91 -2.77 28.86 -28.35
N GLY A 92 -3.11 28.73 -29.64
CA GLY A 92 -3.31 29.92 -30.45
C GLY A 92 -2.79 29.71 -31.85
N GLN A 93 -3.11 30.65 -32.74
CA GLN A 93 -2.86 30.43 -34.15
C GLN A 93 -1.38 30.31 -34.49
N THR A 94 -1.13 29.63 -35.61
CA THR A 94 0.21 29.45 -36.16
C THR A 94 0.83 30.84 -36.25
N SER A 95 2.11 30.93 -35.90
CA SER A 95 2.90 32.16 -35.99
CA SER A 95 2.90 32.16 -35.99
C SER A 95 2.72 33.03 -34.76
N SER A 96 1.83 32.63 -33.85
CA SER A 96 1.50 33.55 -32.78
C SER A 96 2.50 33.55 -31.63
N GLY A 97 3.26 32.47 -31.46
CA GLY A 97 4.39 32.47 -30.51
C GLY A 97 4.42 31.35 -29.48
N LYS A 98 3.66 30.28 -29.76
CA LYS A 98 3.54 29.13 -28.89
C LYS A 98 4.91 28.52 -28.63
N THR A 99 5.68 28.31 -29.70
CA THR A 99 6.88 27.52 -29.64
C THR A 99 7.97 28.39 -29.04
N HIS A 100 8.01 29.64 -29.46
CA HIS A 100 8.79 30.64 -28.77
C HIS A 100 8.53 30.71 -27.27
N THR A 101 7.29 30.55 -26.84
CA THR A 101 6.97 30.67 -25.45
C THR A 101 7.42 29.45 -24.70
N MET A 102 7.02 28.27 -25.18
CA MET A 102 7.26 27.02 -24.46
C MET A 102 8.70 26.57 -24.51
N GLU A 103 9.36 26.87 -25.62
CA GLU A 103 10.71 26.41 -25.88
C GLU A 103 11.72 27.55 -25.94
N GLY A 104 11.44 28.53 -26.78
CA GLY A 104 12.40 29.60 -27.02
C GLY A 104 13.64 28.95 -27.56
N VAL A 105 14.80 29.54 -27.24
CA VAL A 105 16.13 29.11 -27.66
C VAL A 105 16.87 28.48 -26.46
N ILE A 106 17.00 27.16 -26.45
CA ILE A 106 17.54 26.40 -25.30
C ILE A 106 18.91 26.88 -24.73
N GLY A 107 19.91 27.01 -25.61
CA GLY A 107 21.19 27.54 -25.19
C GLY A 107 21.12 28.87 -24.41
N ASP A 108 20.19 29.75 -24.83
CA ASP A 108 20.30 31.17 -24.52
C ASP A 108 19.63 31.61 -23.25
N SER A 109 20.46 31.79 -22.23
CA SER A 109 20.00 32.21 -20.92
C SER A 109 18.87 33.27 -20.89
N VAL A 110 18.79 34.15 -21.88
CA VAL A 110 17.70 35.09 -21.84
C VAL A 110 16.54 34.70 -22.73
N LYS A 111 16.86 34.13 -23.88
CA LYS A 111 15.84 33.77 -24.86
C LYS A 111 15.20 32.41 -24.62
N GLN A 112 15.77 31.59 -23.76
CA GLN A 112 15.09 30.33 -23.46
C GLN A 112 13.72 30.55 -22.87
N GLY A 113 12.88 29.55 -23.00
CA GLY A 113 11.49 29.66 -22.66
C GLY A 113 11.13 28.75 -21.53
N ILE A 114 9.87 28.37 -21.51
CA ILE A 114 9.35 27.87 -20.26
C ILE A 114 9.93 26.51 -19.94
N ILE A 115 10.09 25.69 -20.99
CA ILE A 115 10.60 24.35 -20.84
C ILE A 115 12.00 24.31 -20.21
N PRO A 116 12.98 24.91 -20.86
CA PRO A 116 14.28 24.78 -20.20
C PRO A 116 14.31 25.40 -18.79
N ARG A 117 13.55 26.46 -18.56
CA ARG A 117 13.67 27.12 -17.29
C ARG A 117 13.03 26.25 -16.24
N ILE A 118 11.83 25.78 -16.48
CA ILE A 118 11.28 24.77 -15.61
C ILE A 118 12.31 23.68 -15.31
N VAL A 119 13.08 23.26 -16.30
CA VAL A 119 13.99 22.17 -16.03
C VAL A 119 15.12 22.64 -15.10
N ASN A 120 15.68 23.81 -15.38
CA ASN A 120 16.63 24.40 -14.47
C ASN A 120 16.06 24.56 -13.08
N ASP A 121 14.94 25.22 -13.04
CA ASP A 121 14.32 25.46 -11.76
C ASP A 121 14.22 24.17 -10.94
N ILE A 122 13.93 23.07 -11.61
CA ILE A 122 13.50 21.90 -10.88
C ILE A 122 14.70 21.21 -10.25
N PHE A 123 15.78 21.11 -11.01
CA PHE A 123 16.95 20.43 -10.54
C PHE A 123 17.58 21.22 -9.42
N ASN A 124 17.63 22.54 -9.63
CA ASN A 124 18.09 23.44 -8.60
C ASN A 124 17.32 23.25 -7.30
N HIS A 125 16.00 23.15 -7.37
CA HIS A 125 15.25 22.96 -6.15
C HIS A 125 15.53 21.62 -5.53
N ILE A 126 15.83 20.65 -6.39
CA ILE A 126 16.15 19.31 -5.92
C ILE A 126 17.52 19.31 -5.28
N TYR A 127 18.45 20.04 -5.88
CA TYR A 127 19.80 20.15 -5.36
C TYR A 127 19.73 20.61 -3.91
N ALA A 128 19.07 21.74 -3.70
CA ALA A 128 19.10 22.42 -2.44
C ALA A 128 18.10 21.91 -1.40
N MET A 129 17.44 20.78 -1.65
CA MET A 129 16.46 20.29 -0.70
C MET A 129 17.15 19.99 0.65
N GLU A 130 16.57 20.45 1.77
CA GLU A 130 17.16 20.24 3.10
C GLU A 130 16.97 18.80 3.60
N VAL A 131 15.75 18.30 3.51
CA VAL A 131 15.46 16.92 3.85
C VAL A 131 16.10 16.06 2.77
N ASN A 132 16.54 14.85 3.11
CA ASN A 132 17.13 13.97 2.11
C ASN A 132 16.12 13.02 1.43
N LEU A 133 16.05 13.16 0.10
CA LEU A 133 15.15 12.38 -0.75
C LEU A 133 15.89 11.63 -1.85
N GLU A 134 15.30 10.51 -2.26
CA GLU A 134 15.68 9.87 -3.50
C GLU A 134 14.63 10.26 -4.56
N PHE A 135 15.11 10.94 -5.58
CA PHE A 135 14.32 11.47 -6.67
C PHE A 135 14.67 10.72 -7.93
N HIS A 136 13.68 10.03 -8.50
CA HIS A 136 13.81 9.51 -9.86
C HIS A 136 13.02 10.41 -10.84
N ILE A 137 13.65 10.83 -11.94
CA ILE A 137 12.94 11.59 -12.96
C ILE A 137 13.02 10.91 -14.31
N LYS A 138 11.85 10.67 -14.89
CA LYS A 138 11.75 10.16 -16.27
C LYS A 138 10.99 11.18 -17.11
N VAL A 139 11.53 11.44 -18.28
CA VAL A 139 10.85 12.26 -19.24
C VAL A 139 10.41 11.41 -20.41
N SER A 140 9.23 11.76 -20.93
CA SER A 140 8.77 11.25 -22.22
C SER A 140 8.63 12.41 -23.21
N TYR A 141 8.69 12.10 -24.51
CA TYR A 141 8.63 13.10 -25.56
C TYR A 141 8.04 12.66 -26.90
N TYR A 142 6.77 13.00 -27.13
CA TYR A 142 6.05 12.56 -28.33
C TYR A 142 5.18 13.58 -29.08
N GLU A 143 4.53 13.13 -30.14
CA GLU A 143 3.85 14.04 -31.06
C GLU A 143 2.54 13.44 -31.46
N ILE A 144 1.47 14.23 -31.37
CA ILE A 144 0.17 13.82 -31.89
C ILE A 144 -0.07 14.49 -33.26
N TYR A 145 -0.58 13.72 -34.21
CA TYR A 145 -0.78 14.19 -35.59
C TYR A 145 -1.84 13.36 -36.28
N MET A 146 -2.96 13.99 -36.57
CA MET A 146 -4.20 13.32 -36.98
C MET A 146 -4.65 12.21 -36.03
N ASP A 147 -4.77 12.52 -34.75
CA ASP A 147 -5.15 11.54 -33.72
C ASP A 147 -4.25 10.29 -33.69
N LYS A 148 -3.00 10.45 -34.12
CA LYS A 148 -2.03 9.36 -34.14
C LYS A 148 -0.69 9.72 -33.46
N ILE A 149 -0.41 9.08 -32.32
CA ILE A 149 0.81 9.36 -31.50
C ILE A 149 2.16 8.81 -32.00
N ARG A 150 3.13 9.68 -32.26
CA ARG A 150 4.47 9.24 -32.64
C ARG A 150 5.52 9.65 -31.59
N ASP A 151 6.42 8.72 -31.24
CA ASP A 151 7.45 8.87 -30.18
C ASP A 151 8.70 9.49 -30.77
N LEU A 152 9.15 10.62 -30.24
CA LEU A 152 10.26 11.32 -30.88
C LEU A 152 11.57 10.83 -30.36
N LEU A 153 11.48 10.00 -29.33
CA LEU A 153 12.66 9.40 -28.74
C LEU A 153 13.16 8.16 -29.49
N ASP A 154 12.26 7.46 -30.19
CA ASP A 154 12.61 6.33 -31.07
C ASP A 154 11.56 6.10 -32.16
N VAL A 155 11.94 6.41 -33.40
CA VAL A 155 10.99 6.45 -34.52
C VAL A 155 10.51 5.06 -34.98
N SER A 156 11.09 4.01 -34.43
CA SER A 156 10.57 2.65 -34.61
C SER A 156 9.14 2.53 -34.09
N LYS A 157 8.71 3.50 -33.29
CA LYS A 157 7.34 3.50 -32.83
C LYS A 157 6.63 4.76 -33.33
N VAL A 158 5.82 4.60 -34.39
CA VAL A 158 4.69 5.50 -34.64
C VAL A 158 3.46 4.77 -34.10
N ASN A 159 2.30 5.42 -34.14
CA ASN A 159 1.07 4.87 -33.59
C ASN A 159 1.13 4.20 -32.20
N LEU A 160 1.08 5.01 -31.15
CA LEU A 160 1.03 4.45 -29.81
C LEU A 160 -0.38 4.49 -29.25
N SER A 161 -0.69 3.51 -28.43
CA SER A 161 -2.01 3.41 -27.87
C SER A 161 -2.13 4.33 -26.65
N VAL A 162 -3.37 4.62 -26.28
CA VAL A 162 -3.67 5.26 -25.00
C VAL A 162 -4.47 4.27 -24.16
N HIS A 163 -4.07 4.14 -22.90
CA HIS A 163 -4.67 3.19 -21.97
C HIS A 163 -5.04 3.88 -20.66
N GLU A 164 -5.98 3.31 -19.92
CA GLU A 164 -6.27 3.74 -18.55
C GLU A 164 -5.26 3.10 -17.59
N ASP A 165 -5.50 3.21 -16.27
CA ASP A 165 -4.68 2.51 -15.27
C ASP A 165 -5.53 2.07 -14.05
N LYS A 166 -4.84 1.74 -12.96
CA LYS A 166 -5.51 1.39 -11.70
C LYS A 166 -6.40 2.53 -11.15
N ASN A 167 -5.80 3.71 -10.95
CA ASN A 167 -6.54 4.92 -10.59
C ASN A 167 -7.49 5.36 -11.72
N ARG A 168 -6.97 6.11 -12.68
CA ARG A 168 -7.72 6.42 -13.91
C ARG A 168 -6.84 6.73 -15.14
N VAL A 169 -5.59 7.16 -14.93
CA VAL A 169 -4.83 7.92 -15.94
C VAL A 169 -5.81 8.74 -16.79
N PRO A 170 -5.81 8.60 -18.14
CA PRO A 170 -5.09 7.95 -19.23
C PRO A 170 -3.60 8.23 -19.31
N TYR A 171 -2.89 7.38 -20.04
CA TYR A 171 -1.44 7.49 -20.22
C TYR A 171 -1.09 6.76 -21.53
N VAL A 172 0.09 7.02 -22.07
CA VAL A 172 0.51 6.45 -23.35
C VAL A 172 1.39 5.19 -23.23
N LYS A 173 0.81 4.05 -23.59
CA LYS A 173 1.48 2.76 -23.52
C LYS A 173 2.78 2.77 -24.31
N GLY A 174 3.82 2.28 -23.66
CA GLY A 174 5.04 1.88 -24.35
C GLY A 174 5.77 2.99 -25.09
N ALA A 175 5.58 4.21 -24.61
CA ALA A 175 6.43 5.36 -24.96
C ALA A 175 7.73 5.31 -24.14
N THR A 176 8.83 5.66 -24.79
CA THR A 176 10.12 5.84 -24.18
C THR A 176 10.08 6.74 -22.94
N GLU A 177 10.62 6.22 -21.84
CA GLU A 177 10.71 6.92 -20.59
C GLU A 177 12.18 6.92 -20.22
N ARG A 178 12.86 8.02 -20.51
CA ARG A 178 14.31 8.11 -20.33
C ARG A 178 14.62 8.70 -18.94
N PHE A 179 15.39 7.97 -18.12
CA PHE A 179 15.75 8.41 -16.77
C PHE A 179 16.75 9.55 -16.85
N VAL A 180 16.53 10.61 -16.07
CA VAL A 180 17.39 11.79 -16.16
C VAL A 180 17.90 12.30 -14.82
N SER A 181 19.03 13.00 -14.86
CA SER A 181 19.74 13.35 -13.63
C SER A 181 20.25 14.79 -13.49
N SER A 182 20.13 15.55 -14.56
CA SER A 182 20.69 16.87 -14.64
C SER A 182 19.99 17.52 -15.82
N PRO A 183 19.95 18.87 -15.86
CA PRO A 183 19.40 19.57 -16.98
C PRO A 183 19.98 19.17 -18.32
N GLU A 184 21.30 19.12 -18.43
CA GLU A 184 21.91 18.76 -19.70
C GLU A 184 21.39 17.40 -20.17
N ASP A 185 21.08 16.54 -19.20
CA ASP A 185 20.51 15.24 -19.47
C ASP A 185 19.20 15.39 -20.23
N VAL A 186 18.45 16.42 -19.90
CA VAL A 186 17.14 16.62 -20.48
C VAL A 186 17.35 17.40 -21.76
N PHE A 187 18.25 18.36 -21.75
CA PHE A 187 18.44 19.13 -22.96
C PHE A 187 18.84 18.25 -24.15
N GLU A 188 19.69 17.26 -23.91
CA GLU A 188 20.04 16.27 -24.92
C GLU A 188 18.83 15.50 -25.45
N VAL A 189 17.99 15.07 -24.53
CA VAL A 189 16.79 14.34 -24.87
C VAL A 189 15.91 15.23 -25.74
N ILE A 190 15.84 16.52 -25.40
CA ILE A 190 15.09 17.45 -26.20
C ILE A 190 15.73 17.57 -27.58
N GLU A 191 17.05 17.72 -27.66
CA GLU A 191 17.64 17.79 -29.00
C GLU A 191 17.46 16.47 -29.75
N GLU A 192 17.16 15.39 -29.05
CA GLU A 192 17.02 14.10 -29.71
C GLU A 192 15.70 14.07 -30.47
N GLY A 193 14.59 14.30 -29.75
CA GLY A 193 13.26 14.48 -30.34
C GLY A 193 13.14 15.57 -31.39
N LYS A 194 13.96 16.61 -31.31
CA LYS A 194 13.86 17.71 -32.27
C LYS A 194 14.37 17.39 -33.67
N SER A 195 15.48 16.64 -33.78
CA SER A 195 15.94 16.19 -35.09
C SER A 195 15.17 14.95 -35.53
N ASN A 196 14.74 14.13 -34.58
CA ASN A 196 13.92 12.96 -34.91
C ASN A 196 12.49 13.30 -35.29
N ARG A 197 12.19 14.59 -35.36
CA ARG A 197 10.86 15.02 -35.77
C ARG A 197 10.87 15.38 -37.24
N HIS A 198 11.99 15.89 -37.71
CA HIS A 198 12.18 16.33 -39.09
C HIS A 198 12.02 15.25 -40.15
N ILE A 199 11.67 14.04 -39.74
CA ILE A 199 11.76 12.91 -40.64
C ILE A 199 10.48 12.06 -40.65
N ALA A 200 10.12 11.57 -41.84
CA ALA A 200 8.80 11.00 -42.15
C ALA A 200 7.83 12.16 -42.46
N VAL A 201 8.41 13.32 -42.76
CA VAL A 201 7.73 14.61 -42.79
C VAL A 201 8.12 15.42 -44.03
N THR A 202 7.12 15.83 -44.81
CA THR A 202 7.41 16.57 -46.03
C THR A 202 7.80 18.02 -45.77
N ASN A 203 6.87 18.92 -45.41
CA ASN A 203 7.30 20.20 -44.82
C ASN A 203 7.08 20.31 -43.32
N MET A 204 8.10 20.80 -42.65
CA MET A 204 8.11 20.91 -41.20
C MET A 204 7.16 21.98 -40.67
N ASN A 205 7.31 23.20 -41.19
CA ASN A 205 6.44 24.28 -40.76
C ASN A 205 4.97 23.84 -40.79
N GLU A 206 4.48 23.34 -41.92
CA GLU A 206 3.13 22.80 -41.96
C GLU A 206 2.93 21.71 -40.94
N HIS A 207 3.91 20.80 -40.87
CA HIS A 207 3.74 19.65 -39.99
C HIS A 207 3.69 20.12 -38.54
N SER A 208 4.69 20.90 -38.15
CA SER A 208 4.72 21.59 -36.86
C SER A 208 3.37 22.23 -36.53
N SER A 209 2.90 23.07 -37.46
CA SER A 209 1.69 23.87 -37.25
CA SER A 209 1.69 23.88 -37.27
C SER A 209 0.48 22.98 -37.09
N ARG A 210 0.57 21.76 -37.59
CA ARG A 210 -0.60 20.90 -37.59
C ARG A 210 -0.53 19.78 -36.56
N SER A 211 0.55 19.71 -35.80
CA SER A 211 0.69 18.71 -34.75
C SER A 211 0.92 19.28 -33.35
N HIS A 212 0.58 18.48 -32.36
CA HIS A 212 0.86 18.79 -31.00
C HIS A 212 2.15 18.11 -30.54
N SER A 213 3.03 18.87 -29.88
CA SER A 213 4.21 18.28 -29.25
C SER A 213 4.08 18.31 -27.73
N VAL A 214 4.26 17.16 -27.12
CA VAL A 214 4.04 17.07 -25.68
C VAL A 214 5.23 16.48 -24.97
N PHE A 215 5.56 17.10 -23.85
CA PHE A 215 6.74 16.70 -23.14
C PHE A 215 6.31 16.37 -21.75
N LEU A 216 6.67 15.19 -21.30
CA LEU A 216 6.28 14.75 -19.98
C LEU A 216 7.50 14.60 -19.12
N ILE A 217 7.40 15.11 -17.92
CA ILE A 217 8.42 14.90 -16.94
C ILE A 217 7.69 14.26 -15.80
N ASN A 218 8.05 13.01 -15.55
CA ASN A 218 7.49 12.26 -14.45
C ASN A 218 8.44 12.33 -13.27
N VAL A 219 7.93 12.82 -12.15
CA VAL A 219 8.79 13.25 -11.07
C VAL A 219 8.43 12.53 -9.78
N LYS A 220 9.24 11.52 -9.45
CA LYS A 220 8.94 10.54 -8.41
C LYS A 220 9.90 10.74 -7.23
N GLN A 221 9.37 10.68 -6.01
CA GLN A 221 10.24 10.96 -4.89
C GLN A 221 10.00 10.05 -3.69
N GLU A 222 11.09 9.65 -3.05
CA GLU A 222 10.98 8.88 -1.83
C GLU A 222 11.70 9.57 -0.68
N ASN A 223 10.99 9.79 0.41
CA ASN A 223 11.59 10.41 1.58
C ASN A 223 12.37 9.37 2.39
N LEU A 224 13.68 9.29 2.15
CA LEU A 224 14.55 8.32 2.83
C LEU A 224 14.34 8.19 4.35
N GLU A 225 14.01 9.30 5.00
CA GLU A 225 13.84 9.29 6.46
C GLU A 225 12.61 8.54 6.93
N ASN A 226 11.44 8.81 6.34
CA ASN A 226 10.18 8.15 6.74
C ASN A 226 9.47 7.38 5.60
N GLN A 227 10.18 7.19 4.49
CA GLN A 227 9.71 6.49 3.29
C GLN A 227 8.38 6.96 2.69
N LYS A 228 7.89 8.13 3.12
CA LYS A 228 6.69 8.72 2.53
C LYS A 228 6.93 8.97 1.04
N LYS A 229 5.98 8.55 0.21
CA LYS A 229 6.20 8.59 -1.24
C LYS A 229 5.23 9.52 -1.99
N LEU A 230 5.78 10.29 -2.93
CA LEU A 230 4.98 11.21 -3.76
C LEU A 230 5.39 11.19 -5.23
N SER A 231 4.43 11.44 -6.10
CA SER A 231 4.67 11.51 -7.55
C SER A 231 4.09 12.78 -8.17
N GLY A 232 4.58 13.16 -9.35
CA GLY A 232 4.06 14.29 -10.09
C GLY A 232 4.28 14.11 -11.58
N LYS A 233 3.30 14.51 -12.38
CA LYS A 233 3.53 14.57 -13.83
C LYS A 233 3.49 16.02 -14.30
N LEU A 234 4.39 16.30 -15.22
CA LEU A 234 4.48 17.60 -15.78
C LEU A 234 4.29 17.46 -17.27
N TYR A 235 3.16 17.95 -17.75
CA TYR A 235 2.96 18.03 -19.17
C TYR A 235 3.26 19.44 -19.62
N LEU A 236 4.03 19.54 -20.70
CA LEU A 236 4.49 20.79 -21.23
C LEU A 236 4.15 20.70 -22.70
N VAL A 237 3.03 21.30 -23.07
CA VAL A 237 2.46 21.05 -24.40
C VAL A 237 2.45 22.24 -25.30
N ASP A 238 2.96 22.03 -26.50
CA ASP A 238 2.86 22.97 -27.61
C ASP A 238 1.82 22.43 -28.62
N LEU A 239 0.59 22.91 -28.50
CA LEU A 239 -0.45 22.56 -29.45
C LEU A 239 -0.25 22.93 -30.92
N ALA A 240 -1.02 22.30 -31.78
CA ALA A 240 -1.17 22.74 -33.16
C ALA A 240 -1.91 24.08 -33.20
N GLY A 241 -1.74 24.84 -34.30
CA GLY A 241 -2.37 26.15 -34.44
C GLY A 241 -3.86 26.01 -34.34
N SER A 242 -4.52 26.85 -33.56
CA SER A 242 -5.96 26.78 -33.35
C SER A 242 -6.86 27.16 -34.58
N GLU A 243 -6.26 27.57 -35.68
CA GLU A 243 -7.04 28.01 -36.83
C GLU A 243 -7.66 26.90 -37.70
N LYS A 244 -8.95 27.09 -38.03
CA LYS A 244 -9.58 26.47 -39.21
C LYS A 244 -9.04 27.20 -40.41
N VAL A 245 -7.81 26.89 -40.83
CA VAL A 245 -7.11 27.71 -41.84
C VAL A 245 -5.59 27.48 -41.82
N LYS A 259 -13.69 22.59 -44.74
CA LYS A 259 -13.39 23.25 -43.47
C LYS A 259 -11.94 23.77 -43.34
N ASN A 260 -11.21 23.21 -42.37
CA ASN A 260 -9.74 23.28 -42.20
C ASN A 260 -9.26 23.23 -40.72
N ILE A 261 -10.19 22.98 -39.79
CA ILE A 261 -9.89 22.89 -38.33
C ILE A 261 -9.52 21.46 -37.85
N ASN A 262 -8.90 21.36 -36.68
CA ASN A 262 -8.33 20.12 -36.14
C ASN A 262 -9.25 19.25 -35.25
N LYS A 263 -9.29 17.94 -35.49
CA LYS A 263 -10.18 17.05 -34.72
C LYS A 263 -9.84 17.03 -33.22
N SER A 264 -8.62 17.46 -32.89
CA SER A 264 -8.18 17.45 -31.50
C SER A 264 -8.47 18.81 -30.90
N LEU A 265 -8.37 19.82 -31.74
CA LEU A 265 -8.67 21.15 -31.26
C LEU A 265 -10.16 21.27 -31.02
N SER A 266 -10.91 20.60 -31.88
CA SER A 266 -12.34 20.67 -31.78
C SER A 266 -12.79 19.96 -30.52
N ALA A 267 -12.19 18.80 -30.28
CA ALA A 267 -12.41 18.04 -29.06
C ALA A 267 -12.04 18.88 -27.82
N LEU A 268 -10.94 19.62 -27.93
CA LEU A 268 -10.54 20.53 -26.91
C LEU A 268 -11.62 21.58 -26.64
N GLY A 269 -12.15 22.17 -27.69
CA GLY A 269 -13.19 23.18 -27.54
C GLY A 269 -14.42 22.63 -26.87
N ASN A 270 -14.72 21.37 -27.17
CA ASN A 270 -15.94 20.76 -26.68
C ASN A 270 -15.83 20.33 -25.24
N VAL A 271 -14.63 19.92 -24.87
CA VAL A 271 -14.38 19.50 -23.49
C VAL A 271 -14.49 20.73 -22.60
N ILE A 272 -13.82 21.81 -23.02
CA ILE A 272 -13.83 23.04 -22.27
C ILE A 272 -15.26 23.54 -22.21
N SER A 273 -15.95 23.54 -23.36
CA SER A 273 -17.36 23.94 -23.42
C SER A 273 -18.21 23.19 -22.43
N ALA A 274 -18.15 21.86 -22.49
CA ALA A 274 -18.79 21.03 -21.48
C ALA A 274 -18.46 21.51 -20.06
N LEU A 275 -17.18 21.66 -19.74
CA LEU A 275 -16.81 22.06 -18.38
C LEU A 275 -17.26 23.47 -18.01
N ALA A 276 -17.52 24.33 -19.00
CA ALA A 276 -17.94 25.71 -18.71
C ALA A 276 -19.43 25.90 -18.34
N ASP A 277 -20.33 25.06 -18.85
CA ASP A 277 -21.72 24.98 -18.35
C ASP A 277 -21.88 23.96 -17.21
N GLY A 278 -23.11 23.58 -16.90
CA GLY A 278 -23.34 22.53 -15.92
C GLY A 278 -23.91 21.29 -16.59
N ASN A 279 -23.04 20.33 -16.96
CA ASN A 279 -23.42 19.02 -17.57
C ASN A 279 -22.28 17.97 -17.68
N LYS A 280 -22.19 17.04 -16.73
CA LYS A 280 -20.93 16.29 -16.50
C LYS A 280 -20.69 14.79 -16.89
N THR A 281 -21.58 14.04 -17.57
CA THR A 281 -22.98 14.30 -17.95
C THR A 281 -23.20 15.11 -19.25
N HIS A 282 -22.21 15.17 -20.15
CA HIS A 282 -21.03 14.29 -20.24
C HIS A 282 -19.82 15.10 -20.72
N ILE A 283 -18.61 14.60 -20.48
CA ILE A 283 -17.43 15.25 -21.05
C ILE A 283 -16.79 14.39 -22.14
N PRO A 284 -16.75 14.94 -23.37
CA PRO A 284 -16.18 14.39 -24.60
C PRO A 284 -14.69 14.02 -24.61
N TYR A 285 -14.14 13.57 -23.48
CA TYR A 285 -12.72 13.24 -23.41
C TYR A 285 -12.23 12.24 -24.45
N ARG A 286 -13.05 11.22 -24.69
CA ARG A 286 -12.67 10.07 -25.51
C ARG A 286 -12.56 10.40 -27.00
N ASP A 287 -13.16 11.52 -27.38
CA ASP A 287 -13.38 11.89 -28.77
C ASP A 287 -12.10 12.32 -29.48
N SER A 288 -10.99 12.17 -28.77
CA SER A 288 -9.66 12.46 -29.29
C SER A 288 -8.65 12.00 -28.24
N LYS A 289 -7.47 11.63 -28.75
CA LYS A 289 -6.39 11.13 -27.91
C LYS A 289 -5.85 12.26 -27.02
N LEU A 290 -5.41 13.33 -27.66
CA LEU A 290 -5.10 14.60 -27.00
C LEU A 290 -5.93 14.90 -25.76
N THR A 291 -7.24 14.90 -25.93
CA THR A 291 -8.13 15.22 -24.83
C THR A 291 -8.14 14.13 -23.78
N ARG A 292 -7.64 12.97 -24.14
CA ARG A 292 -7.61 11.88 -23.20
C ARG A 292 -6.36 12.03 -22.33
N ILE A 293 -5.23 12.31 -22.99
CA ILE A 293 -4.03 12.68 -22.27
C ILE A 293 -4.35 13.83 -21.31
N LEU A 294 -4.92 14.91 -21.82
CA LEU A 294 -5.10 16.06 -20.95
C LEU A 294 -6.30 15.93 -20.05
N GLN A 295 -6.81 14.72 -19.92
CA GLN A 295 -8.03 14.52 -19.11
C GLN A 295 -7.94 15.09 -17.69
N GLU A 296 -6.87 14.79 -16.96
CA GLU A 296 -6.69 15.37 -15.62
C GLU A 296 -6.38 16.85 -15.71
N SER A 297 -5.65 17.24 -16.76
CA SER A 297 -5.36 18.64 -16.87
C SER A 297 -6.62 19.46 -16.97
N LEU A 298 -7.62 18.94 -17.69
CA LEU A 298 -8.88 19.67 -17.84
C LEU A 298 -9.99 19.15 -16.94
N GLY A 299 -10.24 19.83 -15.84
CA GLY A 299 -11.30 19.39 -14.95
C GLY A 299 -10.88 18.29 -14.00
N GLY A 300 -9.74 17.67 -14.26
CA GLY A 300 -9.22 16.60 -13.42
C GLY A 300 -8.26 17.02 -12.32
N ASN A 301 -7.30 16.14 -12.05
CA ASN A 301 -6.43 16.33 -10.90
C ASN A 301 -5.04 16.80 -11.32
N ALA A 302 -4.95 18.10 -11.62
CA ALA A 302 -3.71 18.79 -11.96
C ALA A 302 -3.93 20.29 -11.80
N ARG A 303 -2.86 21.08 -11.64
CA ARG A 303 -2.99 22.54 -11.67
C ARG A 303 -2.57 23.00 -13.05
N THR A 304 -3.48 23.66 -13.73
CA THR A 304 -3.27 23.89 -15.14
C THR A 304 -3.18 25.34 -15.45
N THR A 305 -2.14 25.65 -16.20
CA THR A 305 -2.02 26.97 -16.78
C THR A 305 -2.03 26.84 -18.28
N ILE A 306 -2.88 27.67 -18.89
CA ILE A 306 -2.91 27.82 -20.34
C ILE A 306 -2.34 29.15 -20.74
N VAL A 307 -1.60 29.14 -21.83
CA VAL A 307 -1.00 30.36 -22.29
C VAL A 307 -1.55 30.56 -23.69
N ILE A 308 -2.39 31.57 -23.85
CA ILE A 308 -2.94 31.83 -25.16
C ILE A 308 -2.02 32.84 -25.82
N CYS A 309 -1.61 32.55 -27.05
CA CYS A 309 -0.70 33.43 -27.76
C CYS A 309 -1.42 34.17 -28.88
N CYS A 310 -1.10 35.45 -29.05
CA CYS A 310 -1.81 36.27 -30.01
C CYS A 310 -0.95 37.20 -30.83
N SER A 311 -1.26 37.21 -32.12
CA SER A 311 -0.74 38.21 -33.01
C SER A 311 -1.50 39.48 -32.67
N PRO A 312 -0.84 40.62 -32.78
CA PRO A 312 -1.54 41.87 -32.55
C PRO A 312 -2.00 42.54 -33.85
N ALA A 313 -1.87 41.86 -34.98
CA ALA A 313 -2.22 42.43 -36.29
C ALA A 313 -3.72 42.50 -36.53
N SER A 314 -4.16 43.66 -37.01
CA SER A 314 -5.55 43.88 -37.43
C SER A 314 -6.07 42.82 -38.36
N PHE A 315 -5.21 42.35 -39.25
CA PHE A 315 -5.62 41.32 -40.17
C PHE A 315 -6.03 40.06 -39.43
N ASN A 316 -5.48 39.81 -38.24
CA ASN A 316 -5.81 38.57 -37.51
C ASN A 316 -6.96 38.67 -36.53
N GLU A 317 -7.58 39.83 -36.48
CA GLU A 317 -8.59 40.14 -35.48
C GLU A 317 -9.53 38.99 -35.11
N SER A 318 -10.11 38.32 -36.11
CA SER A 318 -11.05 37.24 -35.88
C SER A 318 -10.46 36.05 -35.13
N GLU A 319 -9.33 35.61 -35.67
CA GLU A 319 -8.64 34.47 -35.16
C GLU A 319 -8.24 34.82 -33.75
N THR A 320 -7.71 36.03 -33.60
CA THR A 320 -7.36 36.49 -32.29
C THR A 320 -8.56 36.39 -31.34
N LYS A 321 -9.73 36.84 -31.77
CA LYS A 321 -10.87 36.85 -30.86
C LYS A 321 -11.31 35.47 -30.45
N SER A 322 -11.24 34.49 -31.36
CA SER A 322 -11.62 33.16 -30.92
C SER A 322 -10.61 32.57 -29.94
N THR A 323 -9.34 32.89 -30.15
CA THR A 323 -8.32 32.58 -29.15
C THR A 323 -8.67 33.24 -27.83
N LEU A 324 -9.00 34.51 -27.86
CA LEU A 324 -9.45 35.11 -26.63
C LEU A 324 -10.65 34.40 -26.01
N ASP A 325 -11.74 34.17 -26.77
CA ASP A 325 -12.92 33.50 -26.24
C ASP A 325 -12.66 32.11 -25.68
N PHE A 326 -11.83 31.35 -26.36
CA PHE A 326 -11.37 30.09 -25.79
C PHE A 326 -10.72 30.30 -24.43
N GLY A 327 -9.82 31.27 -24.34
CA GLY A 327 -9.22 31.69 -23.07
C GLY A 327 -10.30 31.92 -22.05
N ARG A 328 -11.25 32.79 -22.38
CA ARG A 328 -12.28 33.22 -21.45
C ARG A 328 -13.10 32.04 -21.03
N ARG A 329 -13.30 31.06 -21.90
CA ARG A 329 -14.00 29.89 -21.41
C ARG A 329 -13.17 28.97 -20.53
N ALA A 330 -11.93 28.71 -20.92
CA ALA A 330 -11.07 27.92 -20.05
C ALA A 330 -10.87 28.48 -18.65
N LYS A 331 -10.79 29.79 -18.47
CA LYS A 331 -10.43 30.23 -17.13
C LYS A 331 -11.46 29.83 -16.08
N THR A 332 -12.68 29.54 -16.52
CA THR A 332 -13.75 29.24 -15.56
C THR A 332 -13.83 27.77 -15.20
N VAL A 333 -12.95 26.95 -15.75
CA VAL A 333 -12.97 25.57 -15.33
C VAL A 333 -12.34 25.44 -13.95
N LYS A 334 -12.93 24.57 -13.14
CA LYS A 334 -12.44 24.16 -11.83
C LYS A 334 -11.73 22.80 -11.87
N ASN A 335 -10.49 22.76 -11.40
CA ASN A 335 -9.81 21.48 -11.25
C ASN A 335 -9.95 20.90 -9.84
N VAL A 336 -9.81 19.59 -9.76
CA VAL A 336 -10.16 18.80 -8.58
C VAL A 336 -8.90 18.04 -8.16
N VAL A 337 -8.07 18.76 -7.40
CA VAL A 337 -6.72 18.26 -7.15
C VAL A 337 -6.47 17.94 -5.71
N CYS A 338 -5.45 17.09 -5.52
CA CYS A 338 -4.96 16.66 -4.22
C CYS A 338 -3.56 16.09 -4.46
N VAL A 339 -2.78 15.98 -3.39
CA VAL A 339 -1.42 15.46 -3.44
C VAL A 339 -1.43 14.00 -3.89
N ASN A 340 -0.62 13.67 -4.88
CA ASN A 340 -0.51 12.29 -5.33
C ASN A 340 0.39 11.44 -4.45
N GLU A 341 -0.11 11.13 -3.26
CA GLU A 341 0.55 10.22 -2.32
C GLU A 341 0.47 8.78 -2.82
N GLU A 342 1.56 8.04 -2.63
CA GLU A 342 1.57 6.64 -3.00
C GLU A 342 1.65 5.81 -1.72
N LEU A 343 0.50 5.66 -1.06
CA LEU A 343 0.42 4.83 0.13
C LEU A 343 0.68 3.36 -0.18
N THR A 344 1.36 2.66 0.73
CA THR A 344 1.62 1.23 0.57
C THR A 344 0.38 0.39 0.89
N ALA A 345 0.48 -0.89 0.55
CA ALA A 345 -0.63 -1.84 0.65
C ALA A 345 -1.30 -1.85 2.02
N GLU A 346 -0.47 -1.92 3.05
CA GLU A 346 -0.92 -2.04 4.42
C GLU A 346 -1.74 -0.82 4.80
N GLU A 347 -1.26 0.33 4.37
CA GLU A 347 -1.92 1.59 4.67
C GLU A 347 -3.30 1.66 4.04
N TRP A 348 -3.40 1.29 2.77
CA TRP A 348 -4.71 1.22 2.11
C TRP A 348 -5.68 0.27 2.83
N LYS A 349 -5.20 -0.92 3.20
CA LYS A 349 -6.01 -1.94 3.85
C LYS A 349 -6.88 -1.35 4.96
N ARG A 350 -6.25 -0.57 5.84
CA ARG A 350 -6.99 0.11 6.91
C ARG A 350 -7.84 1.28 6.40
N ARG A 351 -7.34 2.02 5.42
CA ARG A 351 -8.08 3.13 4.84
C ARG A 351 -9.48 2.65 4.42
N TYR A 352 -9.63 1.33 4.36
CA TYR A 352 -10.85 0.67 3.93
C TYR A 352 -11.68 0.11 5.10
N GLU A 353 -11.12 0.14 6.30
CA GLU A 353 -11.92 -0.09 7.49
C GLU A 353 -12.78 1.14 7.74
N LYS A 354 -12.34 2.26 7.18
CA LYS A 354 -13.15 3.48 7.09
C LYS A 354 -14.56 3.12 6.66
N GLU A 355 -14.69 2.53 5.46
CA GLU A 355 -16.00 2.22 4.88
C GLU A 355 -16.70 1.01 5.55
N LYS A 356 -16.02 -0.14 5.56
CA LYS A 356 -16.57 -1.35 6.16
C LYS A 356 -15.93 -1.61 7.51
N GLU B 10 -16.02 -11.27 17.06
CA GLU B 10 -17.25 -11.92 17.60
C GLU B 10 -16.93 -13.38 17.97
N ASP B 11 -15.70 -13.61 18.42
CA ASP B 11 -15.12 -14.96 18.47
C ASP B 11 -14.42 -15.34 19.77
N SER B 12 -15.21 -15.62 20.80
CA SER B 12 -14.71 -16.09 22.10
C SER B 12 -13.48 -17.03 22.01
N ILE B 13 -12.49 -16.81 22.87
CA ILE B 13 -11.40 -17.75 23.06
C ILE B 13 -11.99 -19.00 23.67
N LYS B 14 -11.75 -20.15 23.03
CA LYS B 14 -12.22 -21.43 23.58
C LYS B 14 -11.34 -21.96 24.69
N VAL B 15 -11.97 -22.34 25.79
CA VAL B 15 -11.20 -22.82 26.91
C VAL B 15 -11.69 -24.19 27.28
N VAL B 16 -10.73 -25.07 27.48
CA VAL B 16 -10.96 -26.48 27.53
C VAL B 16 -10.12 -26.99 28.67
N CYS B 17 -10.72 -27.78 29.55
CA CYS B 17 -10.07 -28.20 30.80
C CYS B 17 -9.74 -29.71 30.97
N ARG B 18 -8.48 -30.05 31.15
CA ARG B 18 -8.16 -31.45 31.22
C ARG B 18 -7.59 -31.85 32.56
N PHE B 19 -8.22 -32.82 33.22
CA PHE B 19 -7.68 -33.44 34.40
C PHE B 19 -6.97 -34.73 34.08
N ARG B 20 -5.78 -34.91 34.63
CA ARG B 20 -5.11 -36.20 34.43
C ARG B 20 -5.45 -37.16 35.57
N PRO B 21 -5.13 -38.45 35.41
CA PRO B 21 -5.25 -39.39 36.51
C PRO B 21 -4.29 -39.09 37.63
N LEU B 22 -4.70 -39.39 38.85
CA LEU B 22 -3.85 -39.32 40.04
C LEU B 22 -2.71 -40.30 39.83
N ASN B 23 -1.47 -39.86 40.02
CA ASN B 23 -0.32 -40.76 39.86
C ASN B 23 0.26 -41.23 41.21
N ASP B 24 1.48 -41.79 41.18
CA ASP B 24 2.09 -42.49 42.32
C ASP B 24 2.59 -41.62 43.47
N SER B 25 3.50 -40.72 43.14
CA SER B 25 3.96 -39.73 44.10
C SER B 25 2.73 -39.36 44.91
N GLU B 26 1.59 -39.30 44.24
CA GLU B 26 0.38 -38.77 44.83
C GLU B 26 -0.44 -39.73 45.73
N GLU B 27 -0.73 -40.96 45.30
CA GLU B 27 -1.43 -41.89 46.20
C GLU B 27 -0.55 -42.20 47.42
N LYS B 28 0.74 -42.39 47.14
CA LYS B 28 1.69 -42.83 48.14
C LYS B 28 2.24 -41.68 48.97
N ALA B 29 1.93 -40.45 48.58
CA ALA B 29 2.09 -39.33 49.54
C ALA B 29 0.76 -39.01 50.20
N GLY B 30 -0.26 -39.85 49.97
CA GLY B 30 -1.57 -39.70 50.60
C GLY B 30 -2.44 -38.55 50.11
N SER B 31 -2.38 -38.29 48.80
CA SER B 31 -3.28 -37.31 48.18
C SER B 31 -4.54 -38.03 47.73
N LYS B 32 -5.68 -37.41 48.00
CA LYS B 32 -6.99 -37.93 47.63
C LYS B 32 -7.40 -37.31 46.29
N PHE B 33 -8.23 -38.00 45.54
CA PHE B 33 -8.83 -37.43 44.33
C PHE B 33 -9.98 -36.52 44.74
N VAL B 34 -9.92 -35.22 44.48
CA VAL B 34 -10.92 -34.30 45.05
C VAL B 34 -11.67 -33.43 44.06
N VAL B 35 -11.95 -33.98 42.88
CA VAL B 35 -12.51 -33.18 41.80
C VAL B 35 -13.78 -33.89 41.37
N LYS B 36 -14.81 -33.13 41.03
CA LYS B 36 -16.11 -33.68 40.60
C LYS B 36 -16.51 -33.11 39.27
N PHE B 37 -17.43 -33.80 38.58
CA PHE B 37 -17.88 -33.43 37.23
C PHE B 37 -19.42 -33.49 37.15
N PRO B 38 -20.11 -32.46 37.67
CA PRO B 38 -21.57 -32.39 37.59
C PRO B 38 -22.02 -32.28 36.14
N ASN B 39 -22.99 -33.09 35.76
CA ASN B 39 -23.32 -33.22 34.33
C ASN B 39 -24.79 -33.45 34.00
N ASN B 40 -25.20 -33.35 32.73
CA ASN B 40 -24.40 -32.93 31.56
C ASN B 40 -23.66 -34.04 30.77
N VAL B 41 -24.04 -34.32 29.52
CA VAL B 41 -25.06 -33.59 28.73
C VAL B 41 -24.54 -32.31 28.07
N GLU B 42 -23.84 -31.46 28.83
CA GLU B 42 -23.03 -30.40 28.23
C GLU B 42 -21.56 -30.71 28.56
N GLU B 43 -21.37 -31.40 29.68
CA GLU B 43 -20.13 -32.06 30.05
C GLU B 43 -18.95 -31.09 30.12
N ASN B 44 -19.23 -29.96 30.76
CA ASN B 44 -18.43 -28.77 30.64
C ASN B 44 -18.17 -28.10 31.97
N CYS B 45 -18.20 -28.91 33.04
CA CYS B 45 -18.18 -28.36 34.39
C CYS B 45 -17.31 -29.12 35.39
N ILE B 46 -16.60 -28.40 36.27
CA ILE B 46 -15.83 -28.99 37.39
C ILE B 46 -16.15 -28.31 38.72
N SER B 47 -16.16 -29.13 39.77
CA SER B 47 -16.18 -28.69 41.15
C SER B 47 -14.94 -29.12 41.92
N ILE B 48 -14.28 -28.14 42.51
CA ILE B 48 -13.21 -28.36 43.48
C ILE B 48 -13.46 -27.49 44.71
N ALA B 49 -13.37 -28.13 45.86
CA ALA B 49 -13.45 -27.50 47.16
C ALA B 49 -14.31 -26.23 47.20
N GLY B 50 -15.55 -26.34 46.75
CA GLY B 50 -16.51 -25.24 46.89
C GLY B 50 -16.56 -24.26 45.74
N LYS B 51 -15.61 -24.34 44.81
CA LYS B 51 -15.68 -23.49 43.64
C LYS B 51 -16.29 -24.31 42.51
N VAL B 52 -16.69 -23.67 41.41
CA VAL B 52 -17.42 -24.34 40.36
C VAL B 52 -17.18 -23.64 39.06
N TYR B 53 -16.81 -24.38 38.03
CA TYR B 53 -16.35 -23.71 36.85
C TYR B 53 -16.97 -24.35 35.65
N LEU B 54 -17.24 -23.51 34.65
CA LEU B 54 -17.79 -23.92 33.39
C LEU B 54 -16.87 -23.52 32.24
N PHE B 55 -16.63 -24.42 31.30
CA PHE B 55 -15.78 -24.11 30.17
C PHE B 55 -16.46 -24.68 28.95
N ASP B 56 -15.80 -24.68 27.79
CA ASP B 56 -16.37 -25.27 26.59
C ASP B 56 -16.35 -26.81 26.64
N LYS B 57 -15.33 -27.41 27.23
CA LYS B 57 -15.39 -28.84 27.51
C LYS B 57 -14.59 -29.15 28.73
N VAL B 58 -14.94 -30.20 29.44
CA VAL B 58 -14.10 -30.67 30.52
C VAL B 58 -13.77 -32.14 30.20
N PHE B 59 -12.51 -32.51 30.28
CA PHE B 59 -12.12 -33.89 30.01
C PHE B 59 -11.71 -34.51 31.32
N LYS B 60 -12.13 -35.76 31.49
CA LYS B 60 -11.96 -36.48 32.72
C LYS B 60 -10.67 -37.25 32.55
N PRO B 61 -10.09 -37.78 33.63
CA PRO B 61 -8.85 -38.55 33.47
C PRO B 61 -8.82 -39.66 32.40
N ASN B 62 -9.95 -40.17 31.95
CA ASN B 62 -9.93 -41.28 30.99
C ASN B 62 -10.21 -40.79 29.57
N ALA B 63 -10.09 -39.48 29.38
CA ALA B 63 -10.35 -38.95 28.06
C ALA B 63 -9.07 -39.12 27.26
N SER B 64 -9.23 -39.56 26.02
CA SER B 64 -8.12 -39.97 25.22
C SER B 64 -7.64 -38.78 24.44
N GLN B 65 -6.37 -38.84 24.12
CA GLN B 65 -5.78 -37.90 23.21
C GLN B 65 -6.71 -37.65 22.02
N GLU B 66 -7.26 -38.70 21.41
CA GLU B 66 -8.04 -38.46 20.19
C GLU B 66 -9.30 -37.63 20.47
N LYS B 67 -9.98 -38.01 21.54
CA LYS B 67 -11.19 -37.32 21.92
C LYS B 67 -10.81 -35.86 22.18
N VAL B 68 -9.68 -35.65 22.87
CA VAL B 68 -9.26 -34.32 23.27
C VAL B 68 -8.92 -33.52 22.00
N TYR B 69 -8.28 -34.18 21.05
CA TYR B 69 -7.90 -33.52 19.82
C TYR B 69 -9.15 -33.09 19.07
N ASN B 70 -10.14 -33.97 19.05
CA ASN B 70 -11.36 -33.64 18.33
C ASN B 70 -12.08 -32.41 18.80
N GLU B 71 -11.98 -32.09 20.09
CA GLU B 71 -12.57 -30.86 20.62
C GLU B 71 -11.64 -29.66 20.48
N ALA B 72 -10.41 -29.81 20.97
CA ALA B 72 -9.47 -28.70 21.00
C ALA B 72 -9.03 -28.20 19.63
N ALA B 73 -8.77 -29.12 18.70
CA ALA B 73 -8.28 -28.76 17.38
C ALA B 73 -9.37 -28.89 16.34
N LYS B 74 -10.51 -28.26 16.64
CA LYS B 74 -11.76 -28.62 15.98
C LYS B 74 -11.73 -28.13 14.53
N SER B 75 -11.90 -26.84 14.33
CA SER B 75 -11.88 -26.30 12.97
C SER B 75 -10.48 -25.87 12.57
N ILE B 76 -9.53 -25.96 13.48
CA ILE B 76 -8.30 -25.19 13.33
C ILE B 76 -7.59 -25.48 12.01
N VAL B 77 -7.50 -26.74 11.62
CA VAL B 77 -6.83 -27.03 10.37
C VAL B 77 -7.70 -26.63 9.17
N THR B 78 -9.01 -26.78 9.30
CA THR B 78 -9.91 -26.21 8.29
C THR B 78 -9.70 -24.69 8.22
N ASP B 79 -9.73 -24.02 9.37
CA ASP B 79 -9.54 -22.59 9.48
C ASP B 79 -8.23 -22.11 8.87
N VAL B 80 -7.15 -22.75 9.27
CA VAL B 80 -5.85 -22.35 8.80
C VAL B 80 -5.79 -22.49 7.28
N LEU B 81 -6.43 -23.54 6.76
CA LEU B 81 -6.48 -23.75 5.31
C LEU B 81 -7.47 -22.83 4.59
N ALA B 82 -8.26 -22.07 5.35
CA ALA B 82 -9.14 -21.08 4.77
C ALA B 82 -8.50 -19.70 4.94
N GLY B 83 -7.24 -19.68 5.38
CA GLY B 83 -6.53 -18.44 5.63
C GLY B 83 -6.70 -17.74 6.99
N TYR B 84 -7.18 -18.45 8.03
CA TYR B 84 -7.31 -17.91 9.41
C TYR B 84 -6.14 -18.34 10.26
N ASN B 85 -5.64 -17.45 11.12
CA ASN B 85 -4.63 -17.79 12.13
C ASN B 85 -5.29 -18.54 13.25
N GLY B 86 -4.62 -19.53 13.80
CA GLY B 86 -5.25 -20.26 14.87
C GLY B 86 -4.22 -20.66 15.91
N THR B 87 -4.60 -20.66 17.19
CA THR B 87 -3.58 -21.07 18.10
C THR B 87 -4.10 -21.95 19.19
N ILE B 88 -3.22 -22.84 19.62
CA ILE B 88 -3.48 -23.69 20.77
C ILE B 88 -2.30 -23.65 21.73
N PHE B 89 -2.61 -23.43 23.00
CA PHE B 89 -1.59 -23.58 23.98
C PHE B 89 -2.08 -24.18 25.26
N ALA B 90 -1.11 -24.75 25.95
CA ALA B 90 -1.38 -25.54 27.12
C ALA B 90 -0.91 -24.76 28.34
N TYR B 91 -1.78 -24.61 29.31
CA TYR B 91 -1.42 -23.84 30.49
C TYR B 91 -1.71 -24.65 31.75
N GLY B 92 -0.82 -24.56 32.73
CA GLY B 92 -0.99 -25.20 34.03
C GLY B 92 0.37 -25.49 34.66
N GLN B 93 0.35 -25.96 35.88
CA GLN B 93 1.56 -26.17 36.65
C GLN B 93 2.33 -27.36 36.13
N THR B 94 3.59 -27.47 36.57
CA THR B 94 4.44 -28.59 36.24
C THR B 94 3.86 -29.92 36.65
N SER B 95 3.89 -30.83 35.68
CA SER B 95 3.47 -32.22 35.85
CA SER B 95 3.47 -32.22 35.85
C SER B 95 1.95 -32.40 35.74
N SER B 96 1.25 -31.34 35.34
CA SER B 96 -0.19 -31.48 35.17
C SER B 96 -0.54 -32.03 33.81
N GLY B 97 0.42 -32.04 32.88
CA GLY B 97 0.23 -32.69 31.58
C GLY B 97 0.22 -31.83 30.34
N LYS B 98 0.85 -30.67 30.43
CA LYS B 98 1.02 -29.85 29.24
C LYS B 98 1.71 -30.63 28.13
N THR B 99 2.83 -31.30 28.43
CA THR B 99 3.57 -31.90 27.34
C THR B 99 2.84 -33.13 26.81
N HIS B 100 2.33 -33.93 27.74
CA HIS B 100 1.49 -35.06 27.39
C HIS B 100 0.45 -34.64 26.39
N THR B 101 -0.14 -33.47 26.61
CA THR B 101 -1.25 -33.00 25.81
C THR B 101 -0.81 -32.43 24.48
N MET B 102 0.20 -31.55 24.46
CA MET B 102 0.58 -30.92 23.21
C MET B 102 1.35 -31.85 22.32
N GLU B 103 2.11 -32.74 22.96
CA GLU B 103 3.05 -33.58 22.25
C GLU B 103 2.69 -35.05 22.41
N GLY B 104 2.58 -35.51 23.65
CA GLY B 104 2.32 -36.93 23.88
C GLY B 104 3.45 -37.79 23.35
N VAL B 105 3.13 -38.94 22.77
CA VAL B 105 4.17 -39.79 22.22
C VAL B 105 4.05 -39.79 20.72
N ILE B 106 4.90 -39.01 20.07
CA ILE B 106 4.98 -39.00 18.62
C ILE B 106 5.40 -40.37 18.15
N GLY B 107 4.70 -40.90 17.16
CA GLY B 107 5.02 -42.24 16.68
C GLY B 107 4.05 -43.26 17.25
N ASP B 108 3.40 -42.94 18.36
CA ASP B 108 2.38 -43.82 18.93
C ASP B 108 0.99 -43.31 18.65
N SER B 109 0.26 -44.13 17.91
CA SER B 109 -1.00 -43.84 17.26
C SER B 109 -2.06 -43.32 18.19
N VAL B 110 -2.07 -43.93 19.35
CA VAL B 110 -3.09 -43.70 20.36
C VAL B 110 -2.61 -42.65 21.39
N LYS B 111 -1.32 -42.74 21.75
CA LYS B 111 -0.72 -41.94 22.80
C LYS B 111 -0.17 -40.59 22.33
N GLN B 112 -0.19 -40.33 21.03
CA GLN B 112 0.25 -39.03 20.55
C GLN B 112 -0.75 -37.87 20.81
N GLY B 113 -0.22 -36.64 20.89
CA GLY B 113 -0.94 -35.50 21.38
C GLY B 113 -1.28 -34.57 20.25
N ILE B 114 -1.59 -33.32 20.59
CA ILE B 114 -2.21 -32.44 19.63
C ILE B 114 -1.29 -32.16 18.45
N ILE B 115 -0.04 -31.82 18.69
CA ILE B 115 0.82 -31.37 17.60
C ILE B 115 0.87 -32.40 16.46
N PRO B 116 1.27 -33.65 16.74
CA PRO B 116 1.37 -34.60 15.65
C PRO B 116 0.04 -34.82 14.92
N ARG B 117 -1.06 -34.86 15.66
CA ARG B 117 -2.36 -35.05 15.01
C ARG B 117 -2.63 -33.91 14.05
N ILE B 118 -2.50 -32.71 14.57
CA ILE B 118 -2.50 -31.55 13.75
C ILE B 118 -1.72 -31.80 12.49
N VAL B 119 -0.50 -32.29 12.63
CA VAL B 119 0.42 -32.38 11.49
C VAL B 119 -0.11 -33.34 10.44
N ASN B 120 -0.48 -34.54 10.85
CA ASN B 120 -1.04 -35.46 9.86
C ASN B 120 -2.29 -34.83 9.25
N ASP B 121 -3.14 -34.28 10.11
CA ASP B 121 -4.41 -33.74 9.69
C ASP B 121 -4.30 -32.58 8.67
N ILE B 122 -3.27 -31.76 8.81
CA ILE B 122 -3.03 -30.75 7.80
C ILE B 122 -2.85 -31.37 6.39
N PHE B 123 -1.94 -32.32 6.27
CA PHE B 123 -1.62 -32.89 4.97
C PHE B 123 -2.74 -33.72 4.38
N ASN B 124 -3.45 -34.50 5.20
CA ASN B 124 -4.60 -35.18 4.67
C ASN B 124 -5.61 -34.23 4.06
N HIS B 125 -5.70 -33.02 4.58
CA HIS B 125 -6.76 -32.12 4.16
C HIS B 125 -6.38 -31.54 2.83
N ILE B 126 -5.08 -31.33 2.66
CA ILE B 126 -4.54 -30.75 1.44
C ILE B 126 -4.71 -31.70 0.26
N TYR B 127 -4.40 -32.96 0.50
CA TYR B 127 -4.59 -33.99 -0.50
C TYR B 127 -6.05 -34.03 -0.98
N ALA B 128 -6.95 -34.12 -0.01
CA ALA B 128 -8.35 -34.36 -0.29
C ALA B 128 -8.98 -33.10 -0.86
N MET B 129 -8.17 -32.05 -0.95
CA MET B 129 -8.67 -30.78 -1.43
C MET B 129 -8.72 -30.83 -2.93
N GLU B 130 -9.84 -30.37 -3.49
CA GLU B 130 -9.87 -30.04 -4.92
C GLU B 130 -9.48 -28.59 -5.08
N VAL B 131 -9.35 -28.16 -6.33
CA VAL B 131 -8.91 -26.80 -6.65
C VAL B 131 -7.42 -26.89 -6.54
N ASN B 132 -6.74 -26.50 -7.61
CA ASN B 132 -5.29 -26.66 -7.63
C ASN B 132 -4.57 -25.48 -6.95
N LEU B 133 -4.07 -25.70 -5.73
CA LEU B 133 -3.46 -24.64 -4.94
C LEU B 133 -2.04 -24.99 -4.55
N GLU B 134 -1.10 -24.07 -4.80
CA GLU B 134 0.31 -24.25 -4.43
C GLU B 134 0.59 -23.80 -2.98
N PHE B 135 0.92 -24.79 -2.14
CA PHE B 135 1.17 -24.55 -0.72
C PHE B 135 2.64 -24.37 -0.42
N HIS B 136 3.02 -23.19 0.05
CA HIS B 136 4.30 -23.05 0.73
C HIS B 136 4.02 -23.18 2.25
N ILE B 137 4.70 -24.10 2.92
CA ILE B 137 4.52 -24.33 4.35
C ILE B 137 5.87 -24.27 5.02
N LYS B 138 6.00 -23.35 5.96
CA LYS B 138 7.26 -23.07 6.62
C LYS B 138 7.05 -23.32 8.10
N VAL B 139 8.05 -23.81 8.83
CA VAL B 139 7.81 -24.06 10.23
C VAL B 139 8.92 -23.57 11.11
N SER B 140 8.58 -23.10 12.29
CA SER B 140 9.65 -22.68 13.18
C SER B 140 9.46 -23.33 14.51
N TYR B 141 10.53 -23.43 15.26
CA TYR B 141 10.46 -24.08 16.52
C TYR B 141 11.49 -23.40 17.40
N TYR B 142 11.03 -22.73 18.45
CA TYR B 142 11.97 -22.10 19.35
C TYR B 142 11.43 -22.11 20.76
N GLU B 143 12.26 -21.69 21.70
CA GLU B 143 11.85 -21.62 23.09
C GLU B 143 12.02 -20.21 23.69
N ILE B 144 11.13 -19.86 24.60
CA ILE B 144 11.37 -18.70 25.44
C ILE B 144 11.70 -19.20 26.83
N TYR B 145 12.86 -18.79 27.33
CA TYR B 145 13.34 -19.08 28.68
C TYR B 145 13.91 -17.80 29.27
N MET B 146 13.51 -17.45 30.50
CA MET B 146 13.90 -16.19 31.15
C MET B 146 13.68 -14.98 30.26
N ASP B 147 12.59 -14.97 29.52
CA ASP B 147 12.30 -13.90 28.59
C ASP B 147 13.31 -13.72 27.45
N LYS B 148 13.99 -14.79 27.08
CA LYS B 148 14.94 -14.72 26.00
C LYS B 148 14.59 -15.81 25.02
N ILE B 149 14.84 -15.58 23.74
CA ILE B 149 14.48 -16.56 22.76
C ILE B 149 15.65 -17.28 22.10
N ARG B 150 15.73 -18.60 22.27
CA ARG B 150 16.66 -19.40 21.49
C ARG B 150 16.00 -20.21 20.38
N ASP B 151 16.49 -20.08 19.18
CA ASP B 151 15.99 -20.90 18.07
C ASP B 151 16.39 -22.37 18.20
N LEU B 152 15.43 -23.28 18.19
CA LEU B 152 15.81 -24.68 18.38
C LEU B 152 16.30 -25.31 17.08
N LEU B 153 16.06 -24.63 15.98
CA LEU B 153 16.49 -25.09 14.68
C LEU B 153 17.93 -24.69 14.34
N ASP B 154 18.49 -23.75 15.11
CA ASP B 154 19.81 -23.17 14.86
C ASP B 154 20.24 -22.46 16.13
N VAL B 155 21.03 -23.16 16.92
CA VAL B 155 21.37 -22.68 18.24
C VAL B 155 22.38 -21.54 18.26
N SER B 156 22.90 -21.12 17.12
CA SER B 156 23.74 -19.90 17.21
C SER B 156 22.83 -18.68 17.33
N LYS B 157 21.60 -18.78 16.81
CA LYS B 157 20.62 -17.73 17.00
C LYS B 157 19.94 -17.84 18.36
N VAL B 158 20.64 -17.38 19.39
CA VAL B 158 20.16 -17.29 20.76
C VAL B 158 19.69 -15.85 20.98
N ASN B 159 19.03 -15.57 22.10
CA ASN B 159 18.55 -14.21 22.39
C ASN B 159 18.05 -13.46 21.17
N LEU B 160 17.10 -14.05 20.45
CA LEU B 160 16.46 -13.38 19.34
C LEU B 160 15.51 -12.29 19.81
N SER B 161 15.16 -11.41 18.88
CA SER B 161 14.32 -10.26 19.21
CA SER B 161 14.32 -10.26 19.20
C SER B 161 12.97 -10.32 18.51
N VAL B 162 11.99 -9.63 19.05
CA VAL B 162 10.69 -9.50 18.45
C VAL B 162 10.62 -8.13 17.77
N HIS B 163 9.82 -8.02 16.70
CA HIS B 163 9.65 -6.82 15.87
C HIS B 163 8.26 -6.92 15.28
N GLU B 164 7.68 -5.79 14.89
CA GLU B 164 6.39 -5.78 14.22
C GLU B 164 6.61 -5.71 12.70
N ASP B 165 5.69 -6.28 11.92
CA ASP B 165 5.82 -6.26 10.46
C ASP B 165 5.00 -5.16 9.78
N LYS B 166 4.86 -5.30 8.46
CA LYS B 166 4.07 -4.38 7.65
C LYS B 166 2.65 -4.21 8.20
N ASN B 167 2.06 -5.30 8.71
CA ASN B 167 0.72 -5.22 9.25
C ASN B 167 0.73 -4.87 10.72
N ARG B 168 1.93 -4.78 11.26
CA ARG B 168 2.17 -4.55 12.70
C ARG B 168 1.78 -5.77 13.56
N VAL B 169 2.09 -6.96 13.02
CA VAL B 169 1.92 -8.18 13.79
C VAL B 169 3.29 -8.67 14.25
N PRO B 170 3.44 -8.78 15.58
CA PRO B 170 4.62 -9.24 16.23
C PRO B 170 5.05 -10.60 15.69
N TYR B 171 6.30 -10.68 15.25
CA TYR B 171 6.87 -11.90 14.75
C TYR B 171 8.31 -11.96 15.26
N VAL B 172 8.94 -13.13 15.23
CA VAL B 172 10.28 -13.30 15.78
C VAL B 172 11.34 -13.24 14.66
N LYS B 173 12.10 -12.14 14.58
CA LYS B 173 12.99 -11.93 13.42
C LYS B 173 14.37 -12.56 13.51
N GLY B 174 14.67 -13.36 12.48
CA GLY B 174 15.93 -14.07 12.38
C GLY B 174 15.80 -15.55 12.67
N ALA B 175 14.57 -16.00 12.91
CA ALA B 175 14.33 -17.41 13.25
C ALA B 175 14.29 -18.31 12.02
N THR B 176 14.91 -19.48 12.16
CA THR B 176 14.87 -20.48 11.12
C THR B 176 13.42 -20.70 10.75
N GLU B 177 13.18 -20.66 9.45
CA GLU B 177 11.93 -21.08 8.86
C GLU B 177 12.18 -22.17 7.81
N ARG B 178 11.88 -23.42 8.15
CA ARG B 178 12.13 -24.59 7.31
C ARG B 178 10.91 -24.91 6.47
N PHE B 179 11.10 -25.08 5.15
CA PHE B 179 10.02 -25.59 4.30
C PHE B 179 9.89 -27.08 4.53
N VAL B 180 8.65 -27.55 4.34
CA VAL B 180 8.28 -28.93 4.59
C VAL B 180 7.18 -29.28 3.60
N SER B 181 7.12 -30.56 3.22
CA SER B 181 6.14 -30.99 2.21
C SER B 181 5.36 -32.25 2.58
N SER B 182 5.72 -32.85 3.71
CA SER B 182 5.07 -34.04 4.21
C SER B 182 5.16 -34.10 5.74
N PRO B 183 4.31 -34.91 6.36
CA PRO B 183 4.48 -35.07 7.78
C PRO B 183 5.91 -35.46 8.14
N GLU B 184 6.51 -36.43 7.44
CA GLU B 184 7.82 -36.96 7.82
C GLU B 184 8.81 -35.79 7.92
N ASP B 185 8.66 -34.82 7.02
CA ASP B 185 9.47 -33.60 7.06
C ASP B 185 9.38 -32.87 8.41
N VAL B 186 8.16 -32.51 8.78
CA VAL B 186 7.90 -31.84 10.02
C VAL B 186 8.39 -32.61 11.23
N PHE B 187 8.16 -33.92 11.25
CA PHE B 187 8.60 -34.71 12.40
C PHE B 187 10.11 -34.73 12.52
N GLU B 188 10.79 -34.64 11.38
CA GLU B 188 12.24 -34.61 11.38
C GLU B 188 12.66 -33.29 12.03
N VAL B 189 11.94 -32.21 11.72
CA VAL B 189 12.20 -30.91 12.34
C VAL B 189 11.98 -30.88 13.86
N ILE B 190 10.83 -31.38 14.30
CA ILE B 190 10.60 -31.56 15.73
C ILE B 190 11.73 -32.34 16.40
N GLU B 191 12.18 -33.42 15.76
CA GLU B 191 13.18 -34.26 16.47
C GLU B 191 14.53 -33.54 16.54
N GLU B 192 14.78 -32.71 15.53
CA GLU B 192 15.95 -31.84 15.45
C GLU B 192 15.91 -30.87 16.64
N GLY B 193 14.86 -30.04 16.70
CA GLY B 193 14.60 -29.15 17.84
C GLY B 193 14.69 -29.81 19.20
N LYS B 194 14.10 -30.97 19.39
CA LYS B 194 14.15 -31.60 20.69
C LYS B 194 15.56 -31.84 21.15
N SER B 195 16.49 -32.23 20.28
CA SER B 195 17.85 -32.43 20.84
C SER B 195 18.55 -31.12 21.00
N ASN B 196 18.36 -30.20 20.05
CA ASN B 196 18.97 -28.90 20.22
C ASN B 196 18.62 -28.30 21.57
N ARG B 197 17.36 -28.39 22.00
CA ARG B 197 16.97 -27.89 23.32
C ARG B 197 17.87 -28.39 24.47
N HIS B 198 18.51 -29.54 24.31
CA HIS B 198 19.37 -30.09 25.37
C HIS B 198 20.76 -29.41 25.50
N ILE B 199 21.26 -28.92 24.36
CA ILE B 199 22.48 -28.15 24.30
C ILE B 199 22.57 -27.14 25.45
N ALA B 200 23.58 -27.37 26.29
CA ALA B 200 23.93 -26.55 27.44
C ALA B 200 22.95 -26.72 28.60
N VAL B 201 22.04 -27.66 28.47
CA VAL B 201 21.08 -27.87 29.52
C VAL B 201 21.54 -28.97 30.49
N THR B 202 21.65 -28.65 31.78
CA THR B 202 21.97 -29.62 32.81
C THR B 202 20.79 -30.53 33.24
N ASN B 203 19.67 -29.93 33.67
CA ASN B 203 18.48 -30.71 34.00
C ASN B 203 17.29 -30.39 33.09
N MET B 204 17.04 -31.23 32.10
CA MET B 204 15.92 -30.96 31.20
C MET B 204 14.52 -30.91 31.85
N ASN B 205 14.30 -31.71 32.87
CA ASN B 205 13.01 -31.63 33.55
C ASN B 205 12.85 -30.23 34.08
N GLU B 206 13.93 -29.71 34.67
CA GLU B 206 13.95 -28.37 35.23
C GLU B 206 13.86 -27.32 34.15
N HIS B 207 14.61 -27.54 33.08
CA HIS B 207 14.70 -26.49 32.08
C HIS B 207 13.33 -26.35 31.41
N SER B 208 12.78 -27.45 30.92
CA SER B 208 11.57 -27.38 30.11
C SER B 208 10.33 -27.00 30.91
N SER B 209 10.35 -27.25 32.22
CA SER B 209 9.26 -26.80 33.07
C SER B 209 9.27 -25.30 33.35
N ARG B 210 10.40 -24.65 33.08
CA ARG B 210 10.51 -23.23 33.23
C ARG B 210 10.65 -22.48 31.91
N SER B 211 10.49 -23.16 30.78
CA SER B 211 10.55 -22.46 29.49
C SER B 211 9.35 -22.76 28.60
N HIS B 212 9.14 -21.90 27.60
CA HIS B 212 8.05 -22.07 26.67
C HIS B 212 8.54 -22.65 25.38
N SER B 213 7.92 -23.73 24.95
CA SER B 213 8.26 -24.33 23.69
C SER B 213 7.30 -23.79 22.67
N VAL B 214 7.80 -23.20 21.59
CA VAL B 214 6.92 -22.58 20.59
C VAL B 214 7.03 -23.18 19.18
N PHE B 215 5.91 -23.74 18.74
CA PHE B 215 5.91 -24.43 17.47
C PHE B 215 5.01 -23.73 16.51
N LEU B 216 5.58 -23.41 15.36
CA LEU B 216 4.89 -22.51 14.46
C LEU B 216 4.90 -23.02 13.02
N ILE B 217 3.68 -23.12 12.51
CA ILE B 217 3.43 -23.61 11.18
C ILE B 217 2.77 -22.49 10.41
N ASN B 218 3.55 -21.91 9.50
CA ASN B 218 3.08 -20.87 8.62
C ASN B 218 2.63 -21.54 7.35
N VAL B 219 1.39 -21.28 6.97
CA VAL B 219 0.80 -21.97 5.84
C VAL B 219 0.35 -20.99 4.76
N LYS B 220 1.18 -20.87 3.73
CA LYS B 220 0.84 -20.02 2.60
C LYS B 220 0.24 -20.80 1.44
N GLN B 221 -0.85 -20.29 0.92
CA GLN B 221 -1.42 -20.87 -0.27
C GLN B 221 -1.59 -19.84 -1.38
N GLU B 222 -1.18 -20.20 -2.58
CA GLU B 222 -1.55 -19.41 -3.75
C GLU B 222 -2.51 -20.19 -4.64
N ASN B 223 -3.66 -19.61 -4.96
CA ASN B 223 -4.48 -20.20 -6.01
C ASN B 223 -3.88 -19.97 -7.40
N LEU B 224 -3.49 -21.04 -8.09
CA LEU B 224 -2.91 -20.87 -9.42
C LEU B 224 -3.90 -20.46 -10.55
N GLU B 225 -5.12 -20.00 -10.21
CA GLU B 225 -5.99 -19.27 -11.15
C GLU B 225 -6.42 -17.90 -10.67
N ASN B 226 -7.01 -17.86 -9.47
CA ASN B 226 -7.39 -16.59 -8.86
C ASN B 226 -6.25 -15.58 -8.86
N GLN B 227 -5.03 -16.09 -8.70
CA GLN B 227 -3.86 -15.32 -8.25
C GLN B 227 -4.03 -14.91 -6.77
N LYS B 228 -5.01 -15.52 -6.11
CA LYS B 228 -5.38 -15.17 -4.74
C LYS B 228 -4.47 -15.88 -3.75
N LYS B 229 -3.85 -15.07 -2.88
CA LYS B 229 -2.89 -15.56 -1.91
C LYS B 229 -3.54 -15.46 -0.54
N LEU B 230 -3.57 -16.59 0.16
CA LEU B 230 -4.05 -16.61 1.54
C LEU B 230 -2.93 -17.10 2.45
N SER B 231 -3.11 -16.85 3.74
CA SER B 231 -2.05 -17.12 4.69
C SER B 231 -2.62 -17.40 6.06
N GLY B 232 -2.01 -18.33 6.79
CA GLY B 232 -2.48 -18.62 8.14
C GLY B 232 -1.35 -19.01 9.07
N LYS B 233 -1.18 -18.27 10.16
CA LYS B 233 -0.22 -18.67 11.18
C LYS B 233 -0.92 -19.59 12.20
N LEU B 234 -0.28 -20.73 12.47
CA LEU B 234 -0.84 -21.72 13.36
C LEU B 234 0.19 -22.03 14.45
N TYR B 235 -0.15 -21.64 15.67
CA TYR B 235 0.80 -21.67 16.80
C TYR B 235 0.38 -22.75 17.78
N LEU B 236 1.33 -23.61 18.11
CA LEU B 236 1.15 -24.59 19.14
C LEU B 236 2.21 -24.40 20.22
N VAL B 237 1.76 -24.12 21.44
CA VAL B 237 2.64 -23.63 22.48
C VAL B 237 2.46 -24.45 23.77
N ASP B 238 3.58 -24.84 24.38
CA ASP B 238 3.56 -25.60 25.62
C ASP B 238 4.30 -24.72 26.63
N LEU B 239 3.55 -24.11 27.55
CA LEU B 239 4.08 -23.01 28.36
C LEU B 239 4.99 -23.55 29.43
N ALA B 240 5.80 -22.67 29.99
CA ALA B 240 6.43 -22.95 31.23
C ALA B 240 5.33 -23.19 32.26
N GLY B 241 5.68 -23.97 33.27
CA GLY B 241 4.75 -24.29 34.36
C GLY B 241 4.23 -23.04 35.02
N SER B 242 2.94 -23.05 35.33
CA SER B 242 2.25 -21.90 35.91
C SER B 242 2.35 -21.76 37.42
N GLU B 243 3.03 -22.67 38.10
CA GLU B 243 3.12 -22.60 39.57
C GLU B 243 3.85 -21.38 40.20
N LYS B 244 3.59 -21.18 41.51
CA LYS B 244 4.24 -20.20 42.40
C LYS B 244 5.36 -20.89 43.16
N ASN B 260 4.65 -13.66 42.77
CA ASN B 260 5.29 -14.97 42.75
C ASN B 260 5.00 -15.63 41.40
N ILE B 261 5.90 -16.48 40.90
CA ILE B 261 5.72 -17.34 39.73
C ILE B 261 6.88 -17.30 38.75
N ASN B 262 6.54 -17.05 37.48
CA ASN B 262 7.46 -17.14 36.37
C ASN B 262 6.99 -16.03 35.47
N LYS B 263 7.89 -15.12 35.14
CA LYS B 263 7.33 -13.81 34.88
C LYS B 263 6.54 -13.61 33.60
N SER B 264 6.78 -14.40 32.57
CA SER B 264 6.00 -14.27 31.35
C SER B 264 4.58 -14.66 31.64
N LEU B 265 4.39 -15.53 32.62
CA LEU B 265 3.06 -15.90 33.04
C LEU B 265 2.23 -14.83 33.77
N SER B 266 2.84 -14.01 34.62
CA SER B 266 2.16 -12.78 35.04
C SER B 266 1.80 -11.90 33.86
N ALA B 267 2.67 -11.84 32.86
CA ALA B 267 2.39 -10.99 31.73
C ALA B 267 1.13 -11.47 31.05
N LEU B 268 1.07 -12.79 30.84
CA LEU B 268 -0.09 -13.46 30.29
C LEU B 268 -1.36 -13.17 31.10
N GLY B 269 -1.31 -13.30 32.42
CA GLY B 269 -2.44 -12.88 33.25
C GLY B 269 -2.78 -11.40 33.07
N ASN B 270 -1.77 -10.54 33.08
CA ASN B 270 -2.02 -9.12 33.03
C ASN B 270 -2.64 -8.75 31.67
N VAL B 271 -2.19 -9.41 30.61
CA VAL B 271 -2.79 -9.17 29.29
C VAL B 271 -4.24 -9.67 29.30
N ILE B 272 -4.45 -10.86 29.85
CA ILE B 272 -5.76 -11.43 29.88
C ILE B 272 -6.64 -10.45 30.60
N SER B 273 -6.22 -10.06 31.80
CA SER B 273 -7.02 -9.19 32.64
C SER B 273 -7.39 -7.90 31.96
N ALA B 274 -6.43 -7.33 31.25
CA ALA B 274 -6.64 -6.05 30.60
C ALA B 274 -7.65 -6.13 29.44
N LEU B 275 -8.10 -7.34 29.11
CA LEU B 275 -8.94 -7.55 27.92
C LEU B 275 -10.41 -7.70 28.29
N ALA B 276 -10.65 -7.76 29.60
CA ALA B 276 -11.97 -7.94 30.18
C ALA B 276 -12.98 -6.96 29.60
N ASP B 277 -14.24 -7.42 29.51
CA ASP B 277 -15.35 -6.59 29.03
C ASP B 277 -14.89 -5.90 27.73
N GLY B 278 -15.00 -4.58 27.62
CA GLY B 278 -14.39 -3.87 26.47
C GLY B 278 -13.51 -4.78 25.62
N ASN B 279 -12.19 -4.67 25.68
CA ASN B 279 -11.49 -3.41 25.82
C ASN B 279 -10.18 -3.66 25.10
N LYS B 280 -9.93 -2.88 24.06
CA LYS B 280 -8.84 -3.17 23.15
C LYS B 280 -7.67 -2.21 23.36
N THR B 281 -7.74 -1.36 24.38
CA THR B 281 -6.71 -0.34 24.50
C THR B 281 -5.89 -0.48 25.78
N HIS B 282 -4.66 0.00 25.74
CA HIS B 282 -3.75 -0.07 26.87
C HIS B 282 -3.52 -1.48 27.39
N ILE B 283 -3.15 -2.37 26.46
CA ILE B 283 -2.96 -3.80 26.74
C ILE B 283 -1.47 -4.13 26.81
N PRO B 284 -0.98 -4.61 27.98
CA PRO B 284 0.45 -4.77 28.22
C PRO B 284 1.15 -5.94 27.51
N TYR B 285 0.94 -6.08 26.20
CA TYR B 285 1.61 -7.06 25.36
C TYR B 285 3.13 -7.03 25.48
N ARG B 286 3.66 -5.83 25.65
CA ARG B 286 5.12 -5.66 25.66
C ARG B 286 5.77 -6.08 26.97
N ASP B 287 4.94 -6.31 27.98
CA ASP B 287 5.45 -6.80 29.24
C ASP B 287 6.30 -8.06 29.14
N SER B 288 6.20 -8.77 28.02
CA SER B 288 7.02 -9.96 27.81
C SER B 288 7.12 -10.34 26.33
N LYS B 289 8.23 -10.93 25.98
CA LYS B 289 8.37 -11.45 24.65
C LYS B 289 7.19 -12.39 24.31
N LEU B 290 6.92 -13.36 25.21
CA LEU B 290 5.82 -14.30 25.08
C LEU B 290 4.59 -13.61 24.58
N THR B 291 4.16 -12.62 25.36
CA THR B 291 2.86 -12.02 25.17
C THR B 291 2.84 -11.18 23.91
N ARG B 292 4.01 -10.74 23.48
CA ARG B 292 4.07 -10.08 22.20
C ARG B 292 3.79 -11.11 21.09
N ILE B 293 4.50 -12.23 21.12
CA ILE B 293 4.30 -13.29 20.12
C ILE B 293 2.84 -13.72 20.05
N LEU B 294 2.20 -13.81 21.21
CA LEU B 294 0.84 -14.29 21.32
C LEU B 294 -0.23 -13.20 21.15
N GLN B 295 0.21 -12.02 20.70
CA GLN B 295 -0.62 -10.84 20.68
C GLN B 295 -1.91 -11.04 19.89
N GLU B 296 -1.81 -11.53 18.68
CA GLU B 296 -2.99 -11.86 17.93
C GLU B 296 -3.79 -12.94 18.64
N SER B 297 -3.12 -13.92 19.22
CA SER B 297 -3.83 -15.00 19.89
C SER B 297 -4.77 -14.50 20.98
N LEU B 298 -4.44 -13.38 21.61
CA LEU B 298 -5.22 -12.95 22.75
C LEU B 298 -5.75 -11.57 22.46
N GLY B 299 -6.95 -11.49 21.92
CA GLY B 299 -7.54 -10.20 21.60
C GLY B 299 -7.47 -9.81 20.14
N GLY B 300 -6.45 -10.26 19.43
CA GLY B 300 -6.34 -9.94 18.02
C GLY B 300 -6.95 -10.96 17.07
N ASN B 301 -6.23 -11.20 15.99
CA ASN B 301 -6.79 -11.84 14.81
C ASN B 301 -6.37 -13.32 14.66
N ALA B 302 -6.96 -14.16 15.52
CA ALA B 302 -6.75 -15.62 15.47
C ALA B 302 -7.85 -16.32 16.25
N ARG B 303 -8.11 -17.59 15.98
CA ARG B 303 -8.99 -18.36 16.85
C ARG B 303 -8.08 -19.12 17.78
N THR B 304 -8.39 -19.03 19.06
CA THR B 304 -7.49 -19.45 20.09
C THR B 304 -8.20 -20.40 20.98
N THR B 305 -7.60 -21.56 21.18
CA THR B 305 -8.03 -22.47 22.24
C THR B 305 -6.94 -22.62 23.26
N ILE B 306 -7.35 -22.66 24.51
CA ILE B 306 -6.41 -22.87 25.60
C ILE B 306 -6.80 -24.13 26.30
N VAL B 307 -5.83 -25.02 26.47
CA VAL B 307 -6.06 -26.17 27.30
C VAL B 307 -5.41 -25.88 28.62
N ILE B 308 -6.21 -25.81 29.67
CA ILE B 308 -5.64 -25.75 30.99
C ILE B 308 -5.58 -27.16 31.51
N CYS B 309 -4.47 -27.52 32.15
CA CYS B 309 -4.25 -28.88 32.64
C CYS B 309 -4.12 -28.86 34.13
N CYS B 310 -4.70 -29.87 34.77
CA CYS B 310 -4.85 -29.86 36.21
C CYS B 310 -4.59 -31.23 36.78
N SER B 311 -3.95 -31.28 37.95
CA SER B 311 -3.88 -32.49 38.76
C SER B 311 -5.22 -32.64 39.49
N PRO B 312 -5.66 -33.87 39.75
CA PRO B 312 -6.87 -34.00 40.56
C PRO B 312 -6.56 -34.17 42.06
N ALA B 313 -5.28 -34.11 42.42
CA ALA B 313 -4.78 -34.35 43.77
C ALA B 313 -5.08 -33.18 44.72
N SER B 314 -5.43 -33.54 45.96
CA SER B 314 -5.75 -32.59 47.03
C SER B 314 -4.54 -31.71 47.36
N PHE B 315 -3.35 -32.30 47.48
CA PHE B 315 -2.12 -31.49 47.63
C PHE B 315 -2.02 -30.29 46.67
N ASN B 316 -2.57 -30.42 45.46
CA ASN B 316 -2.39 -29.41 44.44
C ASN B 316 -3.54 -28.43 44.33
N GLU B 317 -4.43 -28.48 45.32
CA GLU B 317 -5.64 -27.64 45.34
C GLU B 317 -5.47 -26.16 44.94
N SER B 318 -4.57 -25.44 45.58
CA SER B 318 -4.53 -24.01 45.26
C SER B 318 -3.99 -23.73 43.84
N GLU B 319 -3.01 -24.54 43.43
CA GLU B 319 -2.48 -24.49 42.07
C GLU B 319 -3.56 -24.85 41.07
N THR B 320 -4.31 -25.89 41.36
CA THR B 320 -5.43 -26.18 40.51
C THR B 320 -6.40 -25.01 40.46
N LYS B 321 -6.74 -24.47 41.63
CA LYS B 321 -7.73 -23.37 41.67
C LYS B 321 -7.26 -22.20 40.86
N SER B 322 -5.97 -21.88 40.88
CA SER B 322 -5.57 -20.70 40.10
C SER B 322 -5.56 -21.01 38.65
N THR B 323 -5.20 -22.23 38.29
CA THR B 323 -5.23 -22.58 36.87
C THR B 323 -6.64 -22.37 36.38
N LEU B 324 -7.59 -22.87 37.16
CA LEU B 324 -8.98 -22.65 36.84
C LEU B 324 -9.36 -21.17 36.81
N ASP B 325 -8.87 -20.36 37.75
CA ASP B 325 -9.20 -18.94 37.71
C ASP B 325 -8.72 -18.40 36.38
N PHE B 326 -7.47 -18.73 36.06
CA PHE B 326 -6.89 -18.19 34.86
C PHE B 326 -7.78 -18.56 33.70
N GLY B 327 -8.11 -19.85 33.64
CA GLY B 327 -9.10 -20.33 32.70
C GLY B 327 -10.39 -19.52 32.67
N ARG B 328 -10.96 -19.31 33.85
CA ARG B 328 -12.18 -18.51 34.02
C ARG B 328 -12.05 -17.18 33.32
N ARG B 329 -11.04 -16.39 33.69
CA ARG B 329 -10.83 -15.09 33.09
C ARG B 329 -10.67 -15.14 31.59
N ALA B 330 -9.94 -16.15 31.09
CA ALA B 330 -9.58 -16.19 29.66
C ALA B 330 -10.72 -16.56 28.74
N LYS B 331 -11.64 -17.38 29.24
CA LYS B 331 -12.88 -17.73 28.55
C LYS B 331 -13.66 -16.53 27.99
N THR B 332 -13.67 -15.44 28.76
CA THR B 332 -14.56 -14.32 28.49
C THR B 332 -14.02 -13.46 27.35
N VAL B 333 -12.85 -13.78 26.84
CA VAL B 333 -12.20 -12.88 25.89
C VAL B 333 -12.52 -13.18 24.44
N LYS B 334 -12.74 -12.15 23.65
CA LYS B 334 -13.27 -12.30 22.30
C LYS B 334 -12.28 -11.78 21.27
N ASN B 335 -12.09 -12.52 20.18
CA ASN B 335 -11.12 -12.10 19.17
C ASN B 335 -11.74 -11.43 17.95
N VAL B 336 -10.90 -10.75 17.17
CA VAL B 336 -11.36 -9.93 16.03
C VAL B 336 -10.82 -10.61 14.79
N VAL B 337 -11.59 -11.55 14.27
CA VAL B 337 -10.97 -12.53 13.37
C VAL B 337 -11.43 -12.55 11.90
N CYS B 338 -10.46 -12.46 11.01
CA CYS B 338 -10.78 -12.46 9.59
C CYS B 338 -9.73 -13.19 8.77
N VAL B 339 -10.09 -13.41 7.51
CA VAL B 339 -9.23 -14.03 6.52
C VAL B 339 -8.00 -13.17 6.21
N ASN B 340 -6.83 -13.78 6.20
CA ASN B 340 -5.63 -13.07 5.85
C ASN B 340 -5.42 -13.10 4.34
N GLU B 341 -6.11 -12.22 3.62
CA GLU B 341 -5.88 -12.13 2.18
C GLU B 341 -4.67 -11.27 1.80
N GLU B 342 -3.90 -11.76 0.85
CA GLU B 342 -2.68 -11.11 0.44
C GLU B 342 -2.96 -10.26 -0.81
N LEU B 343 -3.10 -8.95 -0.61
CA LEU B 343 -3.38 -8.05 -1.75
C LEU B 343 -2.22 -7.09 -2.01
N THR B 344 -2.13 -6.62 -3.25
CA THR B 344 -1.17 -5.59 -3.62
C THR B 344 -1.77 -4.24 -3.21
N ALA B 345 -0.92 -3.22 -3.10
CA ALA B 345 -1.35 -1.87 -2.76
C ALA B 345 -2.49 -1.39 -3.66
N GLU B 346 -2.35 -1.63 -4.96
CA GLU B 346 -3.35 -1.22 -5.94
C GLU B 346 -4.74 -1.77 -5.63
N GLU B 347 -4.84 -3.09 -5.51
CA GLU B 347 -6.11 -3.74 -5.26
C GLU B 347 -6.77 -3.24 -3.99
N TRP B 348 -5.99 -3.17 -2.91
CA TRP B 348 -6.49 -2.70 -1.64
C TRP B 348 -7.10 -1.31 -1.73
N LYS B 349 -6.58 -0.48 -2.64
CA LYS B 349 -7.12 0.86 -2.87
C LYS B 349 -8.53 0.72 -3.42
N ARG B 350 -8.66 -0.06 -4.48
CA ARG B 350 -9.95 -0.25 -5.14
C ARG B 350 -10.92 -0.94 -4.19
N ARG B 351 -10.46 -1.99 -3.53
CA ARG B 351 -11.30 -2.75 -2.60
C ARG B 351 -11.91 -1.87 -1.52
N TYR B 352 -11.63 -0.56 -1.59
CA TYR B 352 -12.05 0.43 -0.60
C TYR B 352 -13.33 1.25 -0.92
N GLU B 353 -13.73 1.31 -2.20
CA GLU B 353 -14.82 2.21 -2.66
C GLU B 353 -16.24 1.88 -2.21
N LYS B 354 -17.09 2.91 -2.14
CA LYS B 354 -18.53 2.75 -1.94
C LYS B 354 -19.30 3.86 -2.64
#